data_6S6G
#
_entry.id   6S6G
#
_cell.length_a   60.340
_cell.length_b   110.551
_cell.length_c   158.443
_cell.angle_alpha   90.000
_cell.angle_beta   90.000
_cell.angle_gamma   90.000
#
_symmetry.space_group_name_H-M   'P 2 21 21'
#
loop_
_entity.id
_entity.type
_entity.pdbx_description
1 polymer 'Homospermidine synthase'
2 non-polymer NICOTINAMIDE-ADENINE-DINUCLEOTIDE
3 non-polymer 'SULFATE ION'
4 non-polymer 3-PYRIDINIUM-1-YLPROPANE-1-SULFONATE
5 water water
#
_entity_poly.entity_id   1
_entity_poly.type   'polypeptide(L)'
_entity_poly.pdbx_seq_one_letter_code
;GPMGTDWPVYHRIDGPIVMIGFGSIGRGTLPLIERHFAFDRSKLVVIDPSDEARKLAEARGVRFIQQAVTRDNYRELLVP
LLTAGPGQGFCVNLSVDTSSLDIMELARENGALYIDTVVQPWLGFYFDPDLKPEARSNYALRETVLAARRNKPGGTTAVS
CCGANPGMVSWFVKQALVNLAADLGVTGEEPTTREEWARLAMDLGVKGIHIAERDTQRASFPKPFDVFVNTWSVEGFVSE
GLQPAELGWGTFERWMPDNARGHDSGCGAGIYLLQPGANTRVRSWTPTAMAQYGFLVTHNESISIADFLTVRDAAGQAVY
RPTCHYAYHPCNDAVLSLHEMFGSGKRQSDWRILDETEIVDGIDELGVLLYGHGKNAYWYGSQLSIEETRRIAPDQNATG
LQVSSAVLAGMVWALENPNAGIVEADDLDFRRCLEVQTPYLGPVVGVYTDWTPLAGRPGLFPEDIDTSDPWQFRNVLVRD
;
_entity_poly.pdbx_strand_id   A,B
#
loop_
_chem_comp.id
_chem_comp.type
_chem_comp.name
_chem_comp.formula
1PS non-polymer 3-PYRIDINIUM-1-YLPROPANE-1-SULFONATE 'C8 H11 N O3 S'
NAD non-polymer NICOTINAMIDE-ADENINE-DINUCLEOTIDE 'C21 H27 N7 O14 P2'
SO4 non-polymer 'SULFATE ION' 'O4 S -2'
#
# COMPACT_ATOMS: atom_id res chain seq x y z
N ASP A 6 -12.60 -40.26 -17.71
CA ASP A 6 -12.56 -38.82 -18.01
C ASP A 6 -13.47 -38.07 -17.02
N TRP A 7 -13.86 -36.86 -17.39
CA TRP A 7 -14.55 -35.99 -16.46
C TRP A 7 -15.98 -36.49 -16.23
N PRO A 8 -16.48 -36.42 -15.00
CA PRO A 8 -17.86 -36.87 -14.75
C PRO A 8 -18.89 -35.91 -15.34
N VAL A 9 -19.89 -36.49 -15.98
CA VAL A 9 -21.06 -35.75 -16.45
C VAL A 9 -22.15 -35.98 -15.41
N TYR A 10 -22.46 -34.94 -14.64
CA TYR A 10 -23.33 -35.13 -13.49
C TYR A 10 -24.79 -35.30 -13.91
N HIS A 11 -25.24 -34.52 -14.88
CA HIS A 11 -26.65 -34.48 -15.21
C HIS A 11 -26.84 -33.96 -16.63
N ARG A 12 -28.01 -34.21 -17.16
CA ARG A 12 -28.45 -33.55 -18.38
C ARG A 12 -29.21 -32.29 -17.99
N ILE A 13 -29.00 -31.23 -18.76
CA ILE A 13 -29.81 -30.02 -18.67
C ILE A 13 -30.68 -30.02 -19.91
N ASP A 14 -32.00 -30.02 -19.71
CA ASP A 14 -32.96 -30.23 -20.78
C ASP A 14 -33.63 -28.96 -21.26
N GLY A 15 -33.30 -27.81 -20.66
CA GLY A 15 -33.80 -26.54 -21.12
C GLY A 15 -32.70 -25.61 -21.56
N PRO A 16 -33.04 -24.34 -21.75
CA PRO A 16 -32.00 -23.36 -22.11
C PRO A 16 -31.07 -23.11 -20.95
N ILE A 17 -29.82 -22.82 -21.28
CA ILE A 17 -28.83 -22.33 -20.33
C ILE A 17 -28.52 -20.89 -20.74
N VAL A 18 -28.91 -19.94 -19.90
CA VAL A 18 -28.79 -18.52 -20.20
C VAL A 18 -27.69 -17.97 -19.31
N MET A 19 -26.55 -17.64 -19.91
N MET A 19 -26.53 -17.67 -19.90
CA MET A 19 -25.42 -17.07 -19.20
CA MET A 19 -25.42 -17.09 -19.14
C MET A 19 -25.45 -15.56 -19.38
C MET A 19 -25.43 -15.57 -19.37
N ILE A 20 -25.65 -14.83 -18.29
CA ILE A 20 -25.65 -13.38 -18.30
C ILE A 20 -24.26 -12.95 -17.86
N GLY A 21 -23.50 -12.35 -18.78
CA GLY A 21 -22.17 -11.89 -18.47
C GLY A 21 -21.13 -12.89 -18.92
N PHE A 22 -20.14 -12.43 -19.67
CA PHE A 22 -19.11 -13.31 -20.21
C PHE A 22 -17.76 -12.62 -20.03
N GLY A 23 -17.46 -12.28 -18.78
CA GLY A 23 -16.17 -11.76 -18.38
C GLY A 23 -15.26 -12.86 -17.85
N SER A 24 -14.38 -12.50 -16.91
CA SER A 24 -13.39 -13.47 -16.46
C SER A 24 -14.07 -14.70 -15.88
N ILE A 25 -15.17 -14.54 -15.14
CA ILE A 25 -15.80 -15.70 -14.52
C ILE A 25 -16.64 -16.46 -15.53
N GLY A 26 -17.43 -15.75 -16.35
CA GLY A 26 -18.18 -16.42 -17.39
C GLY A 26 -17.29 -17.22 -18.33
N ARG A 27 -16.13 -16.65 -18.70
CA ARG A 27 -15.22 -17.36 -19.58
C ARG A 27 -14.65 -18.61 -18.93
N GLY A 28 -14.52 -18.62 -17.60
CA GLY A 28 -14.02 -19.80 -16.93
C GLY A 28 -15.10 -20.82 -16.65
N THR A 29 -16.35 -20.39 -16.55
CA THR A 29 -17.46 -21.25 -16.17
C THR A 29 -18.04 -21.99 -17.38
N LEU A 30 -18.12 -21.34 -18.54
CA LEU A 30 -18.70 -21.99 -19.70
C LEU A 30 -18.01 -23.30 -20.04
N PRO A 31 -16.68 -23.39 -20.08
CA PRO A 31 -16.07 -24.70 -20.34
C PRO A 31 -16.42 -25.76 -19.31
N LEU A 32 -16.54 -25.38 -18.04
CA LEU A 32 -16.92 -26.37 -17.03
C LEU A 32 -18.36 -26.83 -17.25
N ILE A 33 -19.24 -25.93 -17.69
CA ILE A 33 -20.61 -26.31 -17.99
C ILE A 33 -20.65 -27.29 -19.14
N GLU A 34 -19.91 -26.99 -20.22
CA GLU A 34 -19.86 -27.90 -21.38
C GLU A 34 -19.25 -29.24 -21.00
N ARG A 35 -18.30 -29.24 -20.06
CA ARG A 35 -17.59 -30.46 -19.69
C ARG A 35 -18.45 -31.37 -18.82
N HIS A 36 -19.22 -30.80 -17.89
CA HIS A 36 -19.83 -31.58 -16.82
C HIS A 36 -21.32 -31.77 -16.95
N PHE A 37 -21.95 -31.20 -17.96
CA PHE A 37 -23.38 -31.40 -18.18
C PHE A 37 -23.61 -31.85 -19.62
N ALA A 38 -24.63 -32.68 -19.80
CA ALA A 38 -25.10 -33.06 -21.11
C ALA A 38 -26.26 -32.14 -21.47
N PHE A 39 -26.19 -31.52 -22.64
CA PHE A 39 -27.31 -30.68 -23.02
C PHE A 39 -27.25 -30.44 -24.51
N ASP A 40 -28.42 -30.13 -25.06
CA ASP A 40 -28.52 -29.60 -26.42
C ASP A 40 -27.66 -28.35 -26.52
N ARG A 41 -26.56 -28.43 -27.21
CA ARG A 41 -25.63 -27.38 -27.24
C ARG A 41 -26.05 -26.06 -27.82
N SER A 42 -26.92 -26.13 -28.78
CA SER A 42 -27.46 -24.90 -29.32
C SER A 42 -28.45 -24.23 -28.36
N LYS A 43 -28.72 -24.84 -27.20
CA LYS A 43 -29.60 -24.26 -26.20
C LYS A 43 -28.87 -23.34 -25.23
N LEU A 44 -27.56 -23.21 -25.35
CA LEU A 44 -26.82 -22.29 -24.51
C LEU A 44 -26.76 -20.93 -25.20
N VAL A 45 -27.05 -19.88 -24.45
CA VAL A 45 -26.99 -18.52 -24.97
C VAL A 45 -26.22 -17.67 -23.97
N VAL A 46 -25.39 -16.77 -24.50
CA VAL A 46 -24.58 -15.85 -23.70
C VAL A 46 -25.02 -14.43 -24.02
N ILE A 47 -25.24 -13.62 -22.99
CA ILE A 47 -25.67 -12.24 -23.13
C ILE A 47 -24.59 -11.35 -22.51
N ASP A 48 -24.03 -10.44 -23.30
CA ASP A 48 -23.00 -9.53 -22.80
C ASP A 48 -22.97 -8.35 -23.74
N PRO A 49 -22.84 -7.11 -23.24
CA PRO A 49 -22.80 -5.97 -24.15
C PRO A 49 -21.50 -5.76 -24.90
N SER A 50 -20.41 -6.44 -24.54
CA SER A 50 -19.11 -6.05 -25.06
C SER A 50 -18.75 -6.82 -26.33
N ASP A 51 -18.00 -6.14 -27.21
CA ASP A 51 -17.54 -6.77 -28.43
C ASP A 51 -16.52 -7.87 -28.15
N GLU A 52 -15.66 -7.67 -27.13
CA GLU A 52 -14.69 -8.69 -26.78
C GLU A 52 -15.40 -9.99 -26.39
N ALA A 53 -16.45 -9.89 -25.58
CA ALA A 53 -17.22 -11.08 -25.21
C ALA A 53 -17.83 -11.72 -26.45
N ARG A 54 -18.34 -10.91 -27.39
CA ARG A 54 -18.97 -11.46 -28.58
C ARG A 54 -17.99 -12.30 -29.37
N LYS A 55 -16.78 -11.79 -29.57
CA LYS A 55 -15.78 -12.52 -30.35
C LYS A 55 -15.37 -13.81 -29.67
N LEU A 56 -15.29 -13.82 -28.34
CA LEU A 56 -14.95 -15.05 -27.65
C LEU A 56 -16.07 -16.08 -27.77
N ALA A 57 -17.32 -15.64 -27.64
CA ALA A 57 -18.44 -16.56 -27.75
C ALA A 57 -18.54 -17.13 -29.16
N GLU A 58 -18.37 -16.29 -30.17
CA GLU A 58 -18.43 -16.76 -31.55
C GLU A 58 -17.34 -17.79 -31.82
N ALA A 59 -16.12 -17.55 -31.30
CA ALA A 59 -15.04 -18.50 -31.47
C ALA A 59 -15.40 -19.87 -30.93
N ARG A 60 -16.28 -19.93 -29.94
CA ARG A 60 -16.78 -21.18 -29.41
C ARG A 60 -18.07 -21.65 -30.08
N GLY A 61 -18.57 -20.92 -31.06
CA GLY A 61 -19.78 -21.35 -31.75
C GLY A 61 -21.01 -21.36 -30.87
N VAL A 62 -21.08 -20.47 -29.89
CA VAL A 62 -22.17 -20.38 -28.93
C VAL A 62 -23.06 -19.19 -29.26
N ARG A 63 -24.38 -19.38 -29.15
CA ARG A 63 -25.33 -18.30 -29.39
C ARG A 63 -25.05 -17.11 -28.48
N PHE A 64 -25.03 -15.92 -29.08
CA PHE A 64 -24.64 -14.70 -28.39
C PHE A 64 -25.66 -13.59 -28.67
N ILE A 65 -26.00 -12.84 -27.62
CA ILE A 65 -26.86 -11.67 -27.73
C ILE A 65 -26.07 -10.49 -27.13
N GLN A 66 -25.80 -9.48 -27.95
CA GLN A 66 -24.97 -8.36 -27.51
C GLN A 66 -25.88 -7.27 -26.94
N GLN A 67 -26.29 -7.47 -25.69
CA GLN A 67 -27.12 -6.52 -24.97
C GLN A 67 -26.62 -6.40 -23.54
N ALA A 68 -26.79 -5.21 -22.98
CA ALA A 68 -26.73 -5.00 -21.54
C ALA A 68 -28.11 -5.23 -20.96
N VAL A 69 -28.21 -6.14 -20.00
CA VAL A 69 -29.46 -6.38 -19.28
C VAL A 69 -29.70 -5.23 -18.31
N THR A 70 -30.84 -4.55 -18.44
CA THR A 70 -31.16 -3.41 -17.60
C THR A 70 -32.55 -3.60 -17.00
N ARG A 71 -32.88 -2.74 -16.04
CA ARG A 71 -34.23 -2.80 -15.48
C ARG A 71 -35.26 -2.55 -16.57
N ASP A 72 -34.91 -1.77 -17.60
CA ASP A 72 -35.87 -1.43 -18.63
C ASP A 72 -36.16 -2.61 -19.56
N ASN A 73 -35.17 -3.48 -19.81
CA ASN A 73 -35.34 -4.53 -20.80
C ASN A 73 -35.31 -5.96 -20.28
N TYR A 74 -35.02 -6.19 -18.99
CA TYR A 74 -34.70 -7.56 -18.60
C TYR A 74 -35.90 -8.50 -18.73
N ARG A 75 -37.12 -8.02 -18.50
N ARG A 75 -37.12 -8.02 -18.50
CA ARG A 75 -38.28 -8.89 -18.62
CA ARG A 75 -38.27 -8.90 -18.61
C ARG A 75 -38.50 -9.30 -20.06
C ARG A 75 -38.51 -9.31 -20.07
N GLU A 76 -38.52 -8.34 -20.98
CA GLU A 76 -38.79 -8.65 -22.38
C GLU A 76 -37.64 -9.44 -22.99
N LEU A 77 -36.43 -9.26 -22.48
CA LEU A 77 -35.27 -9.95 -23.03
C LEU A 77 -35.15 -11.38 -22.51
N LEU A 78 -35.34 -11.57 -21.20
CA LEU A 78 -34.99 -12.84 -20.59
C LEU A 78 -36.12 -13.86 -20.55
N VAL A 79 -37.37 -13.43 -20.38
CA VAL A 79 -38.46 -14.39 -20.24
C VAL A 79 -38.51 -15.33 -21.44
N PRO A 80 -38.48 -14.85 -22.69
CA PRO A 80 -38.50 -15.80 -23.82
C PRO A 80 -37.33 -16.77 -23.78
N LEU A 81 -36.15 -16.31 -23.36
CA LEU A 81 -34.99 -17.18 -23.31
C LEU A 81 -35.14 -18.25 -22.24
N LEU A 82 -35.66 -17.87 -21.07
CA LEU A 82 -35.75 -18.81 -19.96
C LEU A 82 -36.84 -19.84 -20.17
N THR A 83 -37.90 -19.51 -20.91
CA THR A 83 -39.05 -20.38 -21.09
C THR A 83 -39.06 -21.09 -22.45
N ALA A 84 -37.92 -21.09 -23.15
CA ALA A 84 -37.88 -21.64 -24.50
C ALA A 84 -38.03 -23.16 -24.53
N GLY A 85 -37.91 -23.82 -23.39
CA GLY A 85 -38.11 -25.25 -23.29
C GLY A 85 -37.01 -26.04 -23.95
N PRO A 86 -37.20 -27.36 -24.08
CA PRO A 86 -38.42 -28.08 -23.69
C PRO A 86 -38.58 -28.24 -22.18
N GLY A 87 -37.46 -28.29 -21.46
CA GLY A 87 -37.46 -28.55 -20.04
C GLY A 87 -37.11 -27.32 -19.23
N GLN A 88 -36.73 -27.57 -17.98
CA GLN A 88 -36.36 -26.49 -17.08
C GLN A 88 -35.04 -25.86 -17.49
N GLY A 89 -35.02 -24.55 -17.62
CA GLY A 89 -33.80 -23.83 -17.94
C GLY A 89 -32.99 -23.49 -16.71
N PHE A 90 -31.79 -22.94 -16.95
CA PHE A 90 -30.88 -22.54 -15.90
C PHE A 90 -30.30 -21.18 -16.25
N CYS A 91 -30.55 -20.19 -15.42
CA CYS A 91 -29.99 -18.84 -15.58
C CYS A 91 -28.72 -18.74 -14.75
N VAL A 92 -27.59 -18.49 -15.42
CA VAL A 92 -26.28 -18.44 -14.79
C VAL A 92 -25.83 -16.99 -14.87
N ASN A 93 -25.97 -16.26 -13.77
CA ASN A 93 -25.74 -14.82 -13.76
C ASN A 93 -24.33 -14.53 -13.24
N LEU A 94 -23.47 -14.06 -14.14
CA LEU A 94 -22.07 -13.78 -13.84
C LEU A 94 -21.70 -12.40 -14.36
N SER A 95 -22.55 -11.43 -14.13
CA SER A 95 -22.41 -10.10 -14.71
C SER A 95 -22.11 -9.05 -13.66
N VAL A 96 -21.67 -7.88 -14.13
CA VAL A 96 -21.68 -6.66 -13.33
C VAL A 96 -22.92 -5.86 -13.74
N ASP A 97 -23.32 -4.92 -12.87
CA ASP A 97 -24.29 -3.88 -13.18
C ASP A 97 -25.75 -4.35 -13.26
N THR A 98 -26.04 -5.58 -12.83
CA THR A 98 -27.38 -6.14 -12.93
C THR A 98 -27.96 -6.43 -11.55
N SER A 99 -29.27 -6.31 -11.41
CA SER A 99 -29.95 -6.60 -10.16
C SER A 99 -30.04 -8.11 -9.96
N SER A 100 -29.27 -8.63 -9.01
CA SER A 100 -29.35 -10.04 -8.69
C SER A 100 -30.76 -10.43 -8.27
N LEU A 101 -31.40 -9.61 -7.45
CA LEU A 101 -32.70 -9.96 -6.91
C LEU A 101 -33.77 -9.96 -8.00
N ASP A 102 -33.79 -8.93 -8.85
CA ASP A 102 -34.81 -8.85 -9.88
C ASP A 102 -34.70 -10.00 -10.89
N ILE A 103 -33.48 -10.33 -11.32
CA ILE A 103 -33.31 -11.44 -12.25
C ILE A 103 -33.65 -12.78 -11.59
N MET A 104 -33.20 -12.97 -10.34
CA MET A 104 -33.55 -14.17 -9.58
C MET A 104 -35.06 -14.34 -9.48
N GLU A 105 -35.79 -13.27 -9.18
CA GLU A 105 -37.24 -13.39 -9.04
C GLU A 105 -37.90 -13.70 -10.37
N LEU A 106 -37.38 -13.12 -11.46
CA LEU A 106 -37.90 -13.41 -12.80
C LEU A 106 -37.67 -14.87 -13.15
N ALA A 107 -36.46 -15.39 -12.91
CA ALA A 107 -36.21 -16.80 -13.16
C ALA A 107 -37.17 -17.67 -12.36
N ARG A 108 -37.35 -17.36 -11.07
CA ARG A 108 -38.18 -18.19 -10.20
C ARG A 108 -39.62 -18.23 -10.69
N GLU A 109 -40.18 -17.09 -11.05
CA GLU A 109 -41.58 -17.09 -11.46
C GLU A 109 -41.79 -17.68 -12.85
N ASN A 110 -40.72 -17.95 -13.59
CA ASN A 110 -40.81 -18.66 -14.86
C ASN A 110 -40.28 -20.09 -14.75
N GLY A 111 -40.04 -20.58 -13.53
CA GLY A 111 -39.69 -21.96 -13.33
C GLY A 111 -38.27 -22.33 -13.74
N ALA A 112 -37.40 -21.34 -13.90
CA ALA A 112 -36.01 -21.57 -14.28
C ALA A 112 -35.14 -21.54 -13.03
N LEU A 113 -34.14 -22.42 -13.01
CA LEU A 113 -33.14 -22.40 -11.97
C LEU A 113 -32.23 -21.19 -12.15
N TYR A 114 -31.61 -20.75 -11.06
CA TYR A 114 -30.83 -19.53 -11.06
C TYR A 114 -29.64 -19.71 -10.14
N ILE A 115 -28.52 -19.12 -10.52
CA ILE A 115 -27.33 -19.06 -9.66
C ILE A 115 -26.60 -17.75 -9.95
N ASP A 116 -26.03 -17.14 -8.92
CA ASP A 116 -25.14 -16.00 -9.09
C ASP A 116 -24.04 -16.05 -8.03
N THR A 117 -23.16 -15.05 -8.07
CA THR A 117 -22.01 -15.03 -7.17
C THR A 117 -21.97 -13.75 -6.35
N VAL A 118 -23.03 -12.95 -6.36
CA VAL A 118 -23.01 -11.65 -5.70
C VAL A 118 -24.44 -11.12 -5.65
N VAL A 119 -24.76 -10.36 -4.60
CA VAL A 119 -26.00 -9.59 -4.58
C VAL A 119 -25.65 -8.15 -4.91
N GLN A 120 -26.24 -7.61 -5.96
CA GLN A 120 -25.91 -6.26 -6.37
C GLN A 120 -27.14 -5.64 -7.03
N PRO A 121 -27.19 -4.31 -7.09
CA PRO A 121 -28.33 -3.61 -7.69
C PRO A 121 -28.11 -3.33 -9.17
N TRP A 122 -29.17 -2.83 -9.81
CA TRP A 122 -29.03 -2.29 -11.15
C TRP A 122 -28.02 -1.13 -11.11
N LEU A 123 -27.20 -1.04 -12.16
CA LEU A 123 -26.34 0.13 -12.32
C LEU A 123 -27.16 1.40 -12.24
N GLY A 124 -26.69 2.35 -11.44
CA GLY A 124 -27.38 3.61 -11.27
C GLY A 124 -26.94 4.65 -12.29
N PHE A 125 -27.89 5.48 -12.72
CA PHE A 125 -27.63 6.55 -13.67
C PHE A 125 -27.25 7.83 -12.94
N LEU A 131 -27.26 8.00 -2.28
CA LEU A 131 -27.51 6.84 -1.43
C LEU A 131 -26.88 7.03 -0.04
N LYS A 132 -27.64 6.64 0.99
CA LYS A 132 -27.09 6.65 2.34
C LYS A 132 -26.14 5.46 2.52
N PRO A 133 -25.06 5.63 3.31
CA PRO A 133 -24.08 4.54 3.41
C PRO A 133 -24.70 3.21 3.81
N GLU A 134 -25.71 3.22 4.68
CA GLU A 134 -26.32 1.96 5.11
C GLU A 134 -26.97 1.24 3.94
N ALA A 135 -27.56 1.99 3.02
CA ALA A 135 -28.20 1.39 1.84
C ALA A 135 -27.18 0.78 0.90
N ARG A 136 -25.92 1.19 0.99
CA ARG A 136 -24.88 0.60 0.16
C ARG A 136 -24.32 -0.68 0.74
N SER A 137 -24.80 -1.14 1.89
CA SER A 137 -24.18 -2.25 2.57
C SER A 137 -24.65 -3.57 1.96
N ASN A 138 -23.79 -4.58 2.03
CA ASN A 138 -24.20 -5.91 1.61
C ASN A 138 -25.25 -6.49 2.56
N TYR A 139 -25.23 -6.06 3.83
CA TYR A 139 -26.29 -6.46 4.76
C TYR A 139 -27.66 -6.09 4.22
N ALA A 140 -27.80 -4.84 3.75
CA ALA A 140 -29.08 -4.39 3.21
C ALA A 140 -29.47 -5.18 1.98
N LEU A 141 -28.52 -5.35 1.05
CA LEU A 141 -28.77 -6.12 -0.16
C LEU A 141 -29.19 -7.55 0.18
N ARG A 142 -28.51 -8.17 1.14
CA ARG A 142 -28.87 -9.54 1.52
C ARG A 142 -30.26 -9.58 2.14
N GLU A 143 -30.62 -8.54 2.91
CA GLU A 143 -31.95 -8.51 3.50
C GLU A 143 -33.05 -8.47 2.44
N THR A 144 -32.78 -7.88 1.25
CA THR A 144 -33.80 -7.95 0.21
C THR A 144 -33.97 -9.37 -0.29
N VAL A 145 -32.91 -10.17 -0.29
CA VAL A 145 -33.02 -11.57 -0.69
C VAL A 145 -33.75 -12.37 0.38
N LEU A 146 -33.44 -12.11 1.65
CA LEU A 146 -34.10 -12.82 2.74
C LEU A 146 -35.59 -12.50 2.78
N ALA A 147 -35.95 -11.25 2.50
CA ALA A 147 -37.36 -10.88 2.45
C ALA A 147 -38.06 -11.59 1.30
N ALA A 148 -37.40 -11.70 0.15
CA ALA A 148 -37.99 -12.42 -0.99
C ALA A 148 -38.29 -13.87 -0.62
N ARG A 149 -37.39 -14.51 0.12
CA ARG A 149 -37.62 -15.88 0.54
C ARG A 149 -38.82 -15.98 1.49
N ARG A 150 -38.91 -15.08 2.46
CA ARG A 150 -40.07 -15.08 3.34
C ARG A 150 -41.35 -14.88 2.55
N ASN A 151 -41.31 -14.02 1.53
CA ASN A 151 -42.52 -13.69 0.78
C ASN A 151 -42.97 -14.85 -0.12
N LYS A 152 -42.02 -15.61 -0.66
CA LYS A 152 -42.33 -16.76 -1.52
C LYS A 152 -41.50 -17.95 -1.07
N PRO A 153 -41.90 -18.62 0.01
CA PRO A 153 -41.16 -19.80 0.47
C PRO A 153 -41.16 -20.91 -0.57
N GLY A 154 -40.13 -21.75 -0.49
CA GLY A 154 -40.01 -22.88 -1.38
C GLY A 154 -40.04 -22.46 -2.83
N GLY A 155 -40.50 -23.38 -3.69
CA GLY A 155 -40.51 -23.12 -5.11
C GLY A 155 -39.16 -23.40 -5.75
N THR A 156 -39.03 -22.92 -6.98
CA THR A 156 -37.85 -23.23 -7.79
C THR A 156 -36.59 -22.74 -7.10
N THR A 157 -35.53 -23.54 -7.22
CA THR A 157 -34.28 -23.22 -6.53
C THR A 157 -33.57 -22.04 -7.20
N ALA A 158 -33.11 -21.11 -6.37
CA ALA A 158 -32.26 -20.01 -6.79
C ALA A 158 -31.12 -19.92 -5.79
N VAL A 159 -29.89 -20.07 -6.27
CA VAL A 159 -28.70 -20.11 -5.43
C VAL A 159 -28.07 -18.73 -5.44
N SER A 160 -28.11 -18.05 -4.29
CA SER A 160 -27.53 -16.72 -4.16
C SER A 160 -26.09 -16.79 -3.64
N CYS A 161 -25.18 -16.11 -4.34
CA CYS A 161 -23.80 -15.91 -3.88
C CYS A 161 -23.02 -17.21 -3.73
N CYS A 162 -22.89 -17.92 -4.84
CA CYS A 162 -22.19 -19.21 -4.87
C CYS A 162 -20.99 -19.15 -5.82
N GLY A 163 -20.00 -18.33 -5.45
CA GLY A 163 -18.69 -18.34 -6.08
C GLY A 163 -17.65 -18.87 -5.10
N ALA A 164 -16.43 -18.36 -5.15
CA ALA A 164 -15.40 -18.81 -4.20
C ALA A 164 -15.62 -18.17 -2.84
N ASN A 165 -15.86 -16.87 -2.81
CA ASN A 165 -16.10 -16.15 -1.57
C ASN A 165 -16.83 -14.87 -1.93
N PRO A 166 -18.15 -14.79 -1.71
CA PRO A 166 -18.99 -15.80 -1.04
C PRO A 166 -19.18 -17.08 -1.83
N GLY A 167 -19.43 -18.18 -1.11
CA GLY A 167 -19.71 -19.46 -1.72
C GLY A 167 -18.95 -20.59 -1.09
N MET A 168 -17.90 -21.05 -1.77
CA MET A 168 -17.05 -22.14 -1.29
C MET A 168 -16.63 -21.96 0.16
N VAL A 169 -16.36 -20.72 0.59
CA VAL A 169 -15.83 -20.56 1.94
C VAL A 169 -16.86 -20.99 2.98
N SER A 170 -18.15 -20.96 2.66
CA SER A 170 -19.14 -21.46 3.61
C SER A 170 -18.97 -22.96 3.82
N TRP A 171 -18.66 -23.70 2.75
CA TRP A 171 -18.40 -25.13 2.88
C TRP A 171 -17.09 -25.36 3.65
N PHE A 172 -16.09 -24.51 3.43
CA PHE A 172 -14.86 -24.59 4.21
C PHE A 172 -15.12 -24.41 5.70
N VAL A 173 -16.01 -23.46 6.06
CA VAL A 173 -16.29 -23.24 7.47
C VAL A 173 -16.89 -24.49 8.10
N LYS A 174 -17.80 -25.16 7.39
CA LYS A 174 -18.36 -26.39 7.94
C LYS A 174 -17.28 -27.45 8.11
N GLN A 175 -16.42 -27.62 7.11
CA GLN A 175 -15.39 -28.65 7.25
C GLN A 175 -14.40 -28.28 8.35
N ALA A 176 -14.08 -26.99 8.50
CA ALA A 176 -13.16 -26.60 9.56
C ALA A 176 -13.76 -26.84 10.94
N LEU A 177 -15.06 -26.58 11.10
CA LEU A 177 -15.70 -26.87 12.39
C LEU A 177 -15.63 -28.36 12.70
N VAL A 178 -15.88 -29.20 11.71
CA VAL A 178 -15.74 -30.65 11.90
C VAL A 178 -14.31 -31.01 12.29
N ASN A 179 -13.32 -30.42 11.61
CA ASN A 179 -11.93 -30.74 11.93
C ASN A 179 -11.56 -30.27 13.31
N LEU A 180 -11.95 -29.04 13.68
CA LEU A 180 -11.65 -28.54 15.01
C LEU A 180 -12.27 -29.42 16.09
N ALA A 181 -13.51 -29.88 15.85
CA ALA A 181 -14.17 -30.72 16.84
C ALA A 181 -13.36 -31.98 17.09
N ALA A 182 -12.91 -32.65 16.03
CA ALA A 182 -12.07 -33.83 16.20
C ALA A 182 -10.81 -33.50 16.98
N ASP A 183 -10.12 -32.41 16.61
CA ASP A 183 -8.81 -32.09 17.20
C ASP A 183 -8.93 -31.55 18.62
N LEU A 184 -10.06 -30.97 18.99
CA LEU A 184 -10.30 -30.49 20.35
C LEU A 184 -11.03 -31.51 21.20
N GLY A 185 -11.27 -32.71 20.69
CA GLY A 185 -11.94 -33.74 21.44
C GLY A 185 -13.38 -33.44 21.80
N VAL A 186 -14.04 -32.57 21.06
CA VAL A 186 -15.46 -32.29 21.26
C VAL A 186 -16.26 -33.42 20.63
N THR A 187 -17.12 -34.06 21.41
CA THR A 187 -17.89 -35.21 20.98
C THR A 187 -19.29 -34.78 20.53
N GLY A 188 -19.89 -35.63 19.71
CA GLY A 188 -21.21 -35.39 19.16
C GLY A 188 -21.24 -35.71 17.68
N GLU A 189 -22.44 -36.03 17.18
CA GLU A 189 -22.61 -36.34 15.77
C GLU A 189 -22.45 -35.08 14.92
N GLU A 190 -22.07 -35.27 13.66
CA GLU A 190 -21.91 -34.15 12.76
C GLU A 190 -23.23 -33.38 12.66
N PRO A 191 -23.22 -32.05 12.79
CA PRO A 191 -24.47 -31.31 12.67
C PRO A 191 -25.14 -31.55 11.33
N THR A 192 -26.48 -31.47 11.33
CA THR A 192 -27.29 -31.62 10.13
C THR A 192 -28.33 -30.51 9.99
N THR A 193 -28.39 -29.58 10.93
CA THR A 193 -29.28 -28.43 10.85
C THR A 193 -28.48 -27.17 11.18
N ARG A 194 -29.01 -26.03 10.75
CA ARG A 194 -28.36 -24.75 11.05
C ARG A 194 -28.16 -24.58 12.55
N GLU A 195 -29.19 -24.88 13.34
CA GLU A 195 -29.08 -24.73 14.79
C GLU A 195 -27.95 -25.59 15.34
N GLU A 196 -27.76 -26.79 14.79
CA GLU A 196 -26.69 -27.66 15.29
C GLU A 196 -25.32 -27.13 14.89
N TRP A 197 -25.19 -26.58 13.69
CA TRP A 197 -23.92 -25.98 13.28
C TRP A 197 -23.56 -24.81 14.16
N ALA A 198 -24.53 -23.92 14.41
CA ALA A 198 -24.30 -22.76 15.27
C ALA A 198 -23.89 -23.20 16.67
N ARG A 199 -24.56 -24.22 17.22
CA ARG A 199 -24.21 -24.69 18.55
C ARG A 199 -22.82 -25.30 18.58
N LEU A 200 -22.40 -25.96 17.49
CA LEU A 200 -21.06 -26.52 17.45
C LEU A 200 -20.01 -25.39 17.48
N ALA A 201 -20.21 -24.35 16.67
CA ALA A 201 -19.28 -23.22 16.71
C ALA A 201 -19.22 -22.61 18.10
N MET A 202 -20.37 -22.49 18.75
N MET A 202 -20.37 -22.49 18.77
CA MET A 202 -20.40 -21.98 20.12
CA MET A 202 -20.37 -21.96 20.12
C MET A 202 -19.63 -22.89 21.06
C MET A 202 -19.63 -22.89 21.08
N ASP A 203 -19.87 -24.20 20.97
CA ASP A 203 -19.24 -25.13 21.88
C ASP A 203 -17.74 -25.23 21.66
N LEU A 204 -17.28 -25.05 20.42
CA LEU A 204 -15.86 -25.00 20.14
C LEU A 204 -15.21 -23.69 20.59
N GLY A 205 -15.99 -22.66 20.89
CA GLY A 205 -15.43 -21.39 21.31
C GLY A 205 -14.84 -20.59 20.19
N VAL A 206 -15.43 -20.68 18.99
CA VAL A 206 -14.96 -19.90 17.85
C VAL A 206 -15.43 -18.47 18.03
N LYS A 207 -14.49 -17.58 18.37
CA LYS A 207 -14.88 -16.19 18.58
C LYS A 207 -15.14 -15.49 17.26
N GLY A 208 -14.39 -15.84 16.22
CA GLY A 208 -14.53 -15.18 14.95
C GLY A 208 -13.86 -15.95 13.84
N ILE A 209 -14.10 -15.45 12.62
CA ILE A 209 -13.63 -16.08 11.38
C ILE A 209 -13.15 -14.96 10.45
N HIS A 210 -11.94 -15.09 9.92
CA HIS A 210 -11.55 -14.30 8.75
C HIS A 210 -11.68 -15.13 7.49
N ILE A 211 -12.21 -14.53 6.44
CA ILE A 211 -11.98 -15.05 5.09
C ILE A 211 -10.59 -14.54 4.72
N ALA A 212 -9.60 -15.40 4.85
CA ALA A 212 -8.19 -15.02 4.87
C ALA A 212 -7.59 -15.44 3.54
N GLU A 213 -7.27 -14.45 2.71
CA GLU A 213 -6.90 -14.71 1.32
C GLU A 213 -5.62 -13.98 0.99
N ARG A 214 -4.75 -14.66 0.24
CA ARG A 214 -3.51 -14.10 -0.28
C ARG A 214 -3.35 -14.57 -1.72
N ASP A 215 -3.41 -13.62 -2.65
CA ASP A 215 -3.21 -13.88 -4.08
C ASP A 215 -1.77 -13.52 -4.43
N THR A 216 -0.98 -14.50 -4.85
CA THR A 216 0.41 -14.26 -5.20
C THR A 216 0.67 -14.34 -6.69
N GLN A 217 -0.38 -14.37 -7.51
CA GLN A 217 -0.20 -14.37 -8.95
C GLN A 217 0.50 -13.10 -9.39
N ARG A 218 1.54 -13.28 -10.20
CA ARG A 218 2.38 -12.20 -10.70
C ARG A 218 2.36 -12.18 -12.21
N ALA A 219 2.36 -10.99 -12.78
CA ALA A 219 2.26 -10.81 -14.22
C ALA A 219 3.64 -10.75 -14.85
N SER A 220 3.68 -11.08 -16.14
CA SER A 220 4.92 -11.06 -16.92
C SER A 220 5.33 -9.65 -17.32
N PHE A 221 4.50 -8.65 -17.07
CA PHE A 221 4.85 -7.25 -17.27
C PHE A 221 4.67 -6.46 -15.98
N PRO A 222 5.46 -5.42 -15.75
CA PRO A 222 5.28 -4.63 -14.53
C PRO A 222 4.03 -3.77 -14.60
N LYS A 223 3.52 -3.42 -13.43
CA LYS A 223 2.27 -2.69 -13.37
C LYS A 223 2.42 -1.37 -14.13
N PRO A 224 1.54 -1.08 -15.09
CA PRO A 224 1.60 0.20 -15.79
C PRO A 224 1.01 1.33 -14.96
N PHE A 225 1.64 2.49 -15.06
CA PHE A 225 1.10 3.70 -14.46
C PHE A 225 -0.32 3.96 -14.94
N ASP A 226 -1.19 4.33 -14.00
CA ASP A 226 -2.57 4.74 -14.29
C ASP A 226 -3.36 3.62 -14.96
N VAL A 227 -3.04 2.38 -14.61
CA VAL A 227 -3.81 1.21 -15.00
C VAL A 227 -4.08 0.38 -13.75
N PHE A 228 -5.36 0.09 -13.50
CA PHE A 228 -5.74 -0.77 -12.39
C PHE A 228 -5.65 -2.22 -12.87
N VAL A 229 -4.90 -3.05 -12.15
CA VAL A 229 -4.64 -4.44 -12.52
C VAL A 229 -5.19 -5.36 -11.43
N ASN A 230 -5.89 -6.42 -11.83
CA ASN A 230 -6.45 -7.38 -10.89
C ASN A 230 -6.52 -8.73 -11.59
N THR A 231 -6.81 -9.77 -10.82
CA THR A 231 -6.95 -11.13 -11.33
C THR A 231 -8.40 -11.52 -11.62
N TRP A 232 -9.34 -10.63 -11.29
CA TRP A 232 -10.75 -10.76 -11.60
C TRP A 232 -11.27 -9.34 -11.79
N SER A 233 -12.60 -9.22 -11.95
CA SER A 233 -13.24 -7.96 -12.28
C SER A 233 -12.57 -6.77 -11.62
N VAL A 234 -12.10 -5.82 -12.42
CA VAL A 234 -11.66 -4.55 -11.86
C VAL A 234 -12.88 -3.72 -11.46
N GLU A 235 -13.85 -3.61 -12.36
CA GLU A 235 -15.05 -2.84 -12.05
C GLU A 235 -15.74 -3.38 -10.80
N GLY A 236 -15.83 -4.70 -10.67
CA GLY A 236 -16.50 -5.28 -9.52
C GLY A 236 -15.69 -5.12 -8.25
N PHE A 237 -14.38 -5.29 -8.34
CA PHE A 237 -13.54 -5.12 -7.15
C PHE A 237 -13.55 -3.67 -6.67
N VAL A 238 -13.44 -2.73 -7.61
CA VAL A 238 -13.44 -1.32 -7.23
C VAL A 238 -14.77 -0.95 -6.59
N SER A 239 -15.88 -1.40 -7.19
N SER A 239 -15.89 -1.40 -7.18
CA SER A 239 -17.20 -1.07 -6.65
CA SER A 239 -17.19 -1.04 -6.63
C SER A 239 -17.33 -1.60 -5.21
C SER A 239 -17.36 -1.60 -5.22
N GLU A 240 -16.96 -2.86 -4.98
CA GLU A 240 -17.08 -3.39 -3.63
C GLU A 240 -16.06 -2.73 -2.69
N GLY A 241 -14.88 -2.37 -3.20
CA GLY A 241 -13.88 -1.73 -2.35
C GLY A 241 -14.23 -0.32 -1.95
N LEU A 242 -15.13 0.34 -2.67
CA LEU A 242 -15.61 1.66 -2.29
C LEU A 242 -16.82 1.61 -1.39
N GLN A 243 -17.50 0.46 -1.29
CA GLN A 243 -18.57 0.29 -0.33
C GLN A 243 -17.98 0.40 1.08
N PRO A 244 -18.83 0.68 2.07
CA PRO A 244 -18.34 0.71 3.46
C PRO A 244 -17.68 -0.62 3.83
N ALA A 245 -16.63 -0.52 4.64
CA ALA A 245 -16.09 -1.70 5.29
C ALA A 245 -17.22 -2.34 6.09
N GLU A 246 -17.25 -3.67 6.10
CA GLU A 246 -18.43 -4.35 6.66
C GLU A 246 -18.05 -5.69 7.24
N LEU A 247 -18.70 -6.05 8.34
CA LEU A 247 -18.37 -7.31 9.00
C LEU A 247 -19.57 -7.86 9.76
N GLY A 248 -19.62 -9.19 9.82
CA GLY A 248 -20.44 -9.84 10.83
C GLY A 248 -19.81 -9.60 12.19
N TRP A 249 -20.68 -9.31 13.16
CA TRP A 249 -20.23 -8.75 14.44
C TRP A 249 -20.49 -9.75 15.56
N GLY A 250 -19.41 -10.28 16.12
CA GLY A 250 -19.52 -11.35 17.10
C GLY A 250 -19.91 -10.86 18.48
N THR A 251 -20.54 -11.77 19.24
CA THR A 251 -20.94 -11.46 20.60
C THR A 251 -19.76 -11.25 21.53
N PHE A 252 -18.57 -11.78 21.20
CA PHE A 252 -17.41 -11.60 22.07
C PHE A 252 -16.78 -10.22 21.98
N GLU A 253 -17.12 -9.43 20.96
CA GLU A 253 -16.48 -8.15 20.76
C GLU A 253 -16.86 -7.17 21.86
N ARG A 254 -15.86 -6.47 22.40
CA ARG A 254 -16.08 -5.51 23.48
C ARG A 254 -15.93 -4.07 23.03
N TRP A 255 -15.56 -3.83 21.77
CA TRP A 255 -15.25 -2.49 21.29
C TRP A 255 -15.59 -2.38 19.82
N MET A 256 -16.07 -1.21 19.41
CA MET A 256 -16.18 -0.89 18.00
C MET A 256 -15.73 0.54 17.78
N PRO A 257 -15.21 0.85 16.59
CA PRO A 257 -14.73 2.21 16.34
C PRO A 257 -15.86 3.22 16.35
N ASP A 258 -15.47 4.48 16.50
CA ASP A 258 -16.45 5.56 16.59
C ASP A 258 -17.28 5.68 15.33
N ASN A 259 -16.72 5.30 14.18
CA ASN A 259 -17.42 5.44 12.90
C ASN A 259 -18.10 4.14 12.48
N ALA A 260 -18.27 3.21 13.41
CA ALA A 260 -19.07 2.01 13.17
C ALA A 260 -20.54 2.30 13.33
N ARG A 261 -21.37 1.60 12.55
CA ARG A 261 -22.81 1.72 12.65
C ARG A 261 -23.47 0.35 12.48
N GLY A 262 -24.66 0.22 13.07
CA GLY A 262 -25.44 -0.98 12.97
C GLY A 262 -26.67 -0.81 12.10
N HIS A 263 -27.63 -1.69 12.29
CA HIS A 263 -28.84 -1.74 11.49
C HIS A 263 -30.05 -1.81 12.40
N ASP A 264 -31.10 -1.06 12.04
CA ASP A 264 -32.33 -1.08 12.81
C ASP A 264 -33.03 -2.44 12.71
N SER A 265 -33.08 -3.01 11.50
CA SER A 265 -33.85 -4.22 11.25
C SER A 265 -32.97 -5.30 10.64
N GLY A 266 -33.58 -6.45 10.33
CA GLY A 266 -32.89 -7.54 9.68
C GLY A 266 -32.36 -8.57 10.67
N CYS A 267 -31.51 -9.45 10.15
CA CYS A 267 -31.03 -10.57 10.94
C CYS A 267 -30.20 -10.14 12.14
N GLY A 268 -29.66 -8.91 12.15
CA GLY A 268 -28.95 -8.37 13.29
C GLY A 268 -27.48 -8.69 13.39
N ALA A 269 -26.89 -9.28 12.36
CA ALA A 269 -25.56 -9.87 12.49
C ALA A 269 -24.42 -8.94 12.07
N GLY A 270 -24.70 -7.72 11.63
CA GLY A 270 -23.70 -6.92 10.94
C GLY A 270 -23.49 -5.54 11.50
N ILE A 271 -22.27 -5.03 11.29
CA ILE A 271 -21.99 -3.61 11.41
C ILE A 271 -21.22 -3.18 10.16
N TYR A 272 -21.15 -1.88 9.94
CA TYR A 272 -20.33 -1.34 8.88
C TYR A 272 -19.60 -0.11 9.41
N LEU A 273 -18.52 0.25 8.73
CA LEU A 273 -17.72 1.41 9.07
C LEU A 273 -17.88 2.46 7.98
N LEU A 274 -17.93 3.73 8.40
CA LEU A 274 -18.07 4.84 7.46
C LEU A 274 -16.72 5.20 6.83
N GLN A 275 -16.16 4.22 6.13
CA GLN A 275 -14.93 4.38 5.36
C GLN A 275 -14.87 3.25 4.34
N PRO A 276 -14.16 3.44 3.23
CA PRO A 276 -14.15 2.40 2.19
C PRO A 276 -13.37 1.15 2.59
N GLY A 277 -13.96 -0.01 2.29
CA GLY A 277 -13.35 -1.26 2.70
C GLY A 277 -11.96 -1.49 2.12
N ALA A 278 -11.76 -1.13 0.86
CA ALA A 278 -10.47 -1.39 0.22
C ALA A 278 -9.37 -0.44 0.67
N ASN A 279 -9.69 0.57 1.48
CA ASN A 279 -8.69 1.39 2.15
C ASN A 279 -8.73 1.19 3.66
N THR A 280 -9.25 0.04 4.11
CA THR A 280 -9.31 -0.35 5.51
C THR A 280 -8.48 -1.61 5.69
N ARG A 281 -7.49 -1.57 6.56
CA ARG A 281 -6.58 -2.69 6.75
C ARG A 281 -6.88 -3.40 8.05
N VAL A 282 -6.73 -4.72 8.03
CA VAL A 282 -6.85 -5.58 9.20
C VAL A 282 -5.62 -6.48 9.28
N ARG A 283 -5.25 -6.83 10.50
CA ARG A 283 -4.18 -7.78 10.70
C ARG A 283 -4.72 -9.19 10.59
N SER A 284 -4.09 -10.01 9.74
CA SER A 284 -4.57 -11.37 9.53
C SER A 284 -3.38 -12.27 9.20
N TRP A 285 -3.67 -13.45 8.69
CA TRP A 285 -2.70 -14.54 8.61
C TRP A 285 -3.18 -15.56 7.59
N THR A 286 -2.28 -16.00 6.70
CA THR A 286 -2.52 -17.19 5.91
C THR A 286 -1.25 -18.04 5.92
N PRO A 287 -1.34 -19.31 5.51
CA PRO A 287 -0.15 -20.17 5.62
C PRO A 287 1.02 -19.72 4.79
N THR A 288 0.78 -19.21 3.58
CA THR A 288 1.88 -18.76 2.72
C THR A 288 2.32 -17.35 3.09
N ALA A 289 1.38 -16.48 3.43
CA ALA A 289 1.72 -15.11 3.78
C ALA A 289 2.29 -14.96 5.19
N MET A 290 1.96 -15.91 6.08
CA MET A 290 2.15 -15.68 7.51
CA MET A 290 2.10 -15.72 7.52
C MET A 290 1.36 -14.41 7.86
N ALA A 291 1.82 -13.65 8.85
CA ALA A 291 1.13 -12.42 9.23
C ALA A 291 1.13 -11.43 8.06
N GLN A 292 -0.03 -10.85 7.78
CA GLN A 292 -0.15 -9.90 6.68
C GLN A 292 -1.26 -8.92 6.99
N TYR A 293 -1.26 -7.81 6.25
CA TYR A 293 -2.44 -6.98 6.17
C TYR A 293 -3.39 -7.56 5.13
N GLY A 294 -4.68 -7.59 5.47
CA GLY A 294 -5.73 -7.73 4.49
C GLY A 294 -6.56 -6.46 4.44
N PHE A 295 -7.33 -6.29 3.37
CA PHE A 295 -8.30 -5.22 3.28
C PHE A 295 -9.67 -5.73 3.71
N LEU A 296 -10.40 -4.89 4.43
CA LEU A 296 -11.72 -5.24 4.99
C LEU A 296 -12.83 -4.89 3.99
N VAL A 297 -12.78 -5.57 2.86
CA VAL A 297 -13.74 -5.34 1.79
C VAL A 297 -15.05 -6.05 2.14
N THR A 298 -16.17 -5.35 1.96
CA THR A 298 -17.45 -5.97 2.29
C THR A 298 -17.70 -7.16 1.39
N HIS A 299 -18.32 -8.20 1.96
CA HIS A 299 -18.64 -9.44 1.26
C HIS A 299 -19.91 -10.02 1.87
N ASN A 300 -20.72 -10.66 1.04
CA ASN A 300 -21.96 -11.25 1.51
C ASN A 300 -21.73 -12.25 2.63
N GLU A 301 -20.67 -13.06 2.52
CA GLU A 301 -20.49 -14.15 3.49
C GLU A 301 -20.08 -13.62 4.85
N SER A 302 -19.49 -12.43 4.92
CA SER A 302 -19.24 -11.83 6.23
C SER A 302 -20.51 -11.81 7.06
N ILE A 303 -21.63 -11.47 6.42
CA ILE A 303 -22.92 -11.45 7.11
C ILE A 303 -23.52 -12.84 7.17
N SER A 304 -23.53 -13.57 6.05
CA SER A 304 -24.28 -14.83 6.00
C SER A 304 -23.68 -15.88 6.94
N ILE A 305 -22.35 -15.94 7.05
CA ILE A 305 -21.74 -16.96 7.90
C ILE A 305 -22.01 -16.63 9.38
N ALA A 306 -21.89 -15.36 9.76
CA ALA A 306 -22.19 -14.95 11.13
C ALA A 306 -23.65 -15.22 11.47
N ASP A 307 -24.56 -14.92 10.54
CA ASP A 307 -25.98 -15.20 10.75
C ASP A 307 -26.23 -16.69 10.89
N PHE A 308 -25.68 -17.47 9.96
CA PHE A 308 -25.85 -18.92 10.00
C PHE A 308 -25.39 -19.52 11.33
N LEU A 309 -24.30 -19.00 11.90
CA LEU A 309 -23.77 -19.58 13.12
C LEU A 309 -24.24 -18.84 14.38
N THR A 310 -25.39 -18.18 14.31
CA THR A 310 -25.94 -17.48 15.46
C THR A 310 -26.76 -18.45 16.31
N VAL A 311 -26.53 -18.42 17.62
CA VAL A 311 -27.35 -19.14 18.59
C VAL A 311 -28.21 -18.11 19.33
N ARG A 312 -29.51 -18.35 19.36
CA ARG A 312 -30.43 -17.46 20.06
C ARG A 312 -31.08 -18.19 21.22
N ASP A 313 -31.40 -17.44 22.28
CA ASP A 313 -32.17 -17.99 23.38
C ASP A 313 -33.64 -18.10 22.98
N ALA A 314 -34.47 -18.57 23.91
CA ALA A 314 -35.89 -18.73 23.61
C ALA A 314 -36.52 -17.39 23.27
N ALA A 315 -36.11 -16.32 23.94
CA ALA A 315 -36.63 -14.99 23.68
C ALA A 315 -36.22 -14.43 22.32
N GLY A 316 -35.37 -15.14 21.58
CA GLY A 316 -34.95 -14.69 20.27
C GLY A 316 -33.75 -13.76 20.25
N GLN A 317 -33.13 -13.50 21.39
CA GLN A 317 -31.93 -12.68 21.44
C GLN A 317 -30.71 -13.54 21.15
N ALA A 318 -29.77 -12.97 20.41
CA ALA A 318 -28.54 -13.70 20.09
C ALA A 318 -27.65 -13.78 21.33
N VAL A 319 -27.30 -15.00 21.72
CA VAL A 319 -26.37 -15.23 22.81
C VAL A 319 -24.99 -15.65 22.31
N TYR A 320 -24.89 -16.16 21.09
CA TYR A 320 -23.61 -16.42 20.48
C TYR A 320 -23.67 -16.11 18.98
N ARG A 321 -22.59 -15.49 18.48
CA ARG A 321 -22.42 -15.20 17.06
C ARG A 321 -20.94 -14.99 16.84
N PRO A 322 -20.33 -15.56 15.80
CA PRO A 322 -18.93 -15.24 15.52
C PRO A 322 -18.79 -13.94 14.75
N THR A 323 -17.70 -13.22 15.02
CA THR A 323 -17.29 -12.18 14.09
C THR A 323 -16.90 -12.84 12.77
N CYS A 324 -17.18 -12.16 11.66
CA CYS A 324 -16.77 -12.71 10.37
C CYS A 324 -16.54 -11.57 9.38
N HIS A 325 -15.37 -11.58 8.75
CA HIS A 325 -15.14 -10.60 7.70
C HIS A 325 -13.97 -11.00 6.82
N TYR A 326 -13.90 -10.34 5.67
CA TYR A 326 -12.84 -10.52 4.71
C TYR A 326 -11.56 -9.89 5.22
N ALA A 327 -10.44 -10.53 4.89
CA ALA A 327 -9.11 -10.04 5.18
C ALA A 327 -8.30 -10.37 3.92
N TYR A 328 -8.45 -9.52 2.92
CA TYR A 328 -8.05 -9.80 1.56
C TYR A 328 -6.72 -9.14 1.25
N HIS A 329 -5.72 -9.96 0.92
CA HIS A 329 -4.48 -9.44 0.33
C HIS A 329 -4.48 -9.85 -1.14
N PRO A 330 -4.86 -8.96 -2.05
CA PRO A 330 -4.92 -9.31 -3.47
C PRO A 330 -3.50 -9.37 -4.04
N CYS A 331 -3.42 -9.61 -5.34
CA CYS A 331 -2.10 -9.72 -5.97
C CYS A 331 -1.37 -8.40 -5.83
N ASN A 332 -0.04 -8.48 -5.96
CA ASN A 332 0.78 -7.31 -5.73
C ASN A 332 0.37 -6.14 -6.64
N ASP A 333 0.02 -6.42 -7.90
CA ASP A 333 -0.34 -5.31 -8.77
C ASP A 333 -1.67 -4.68 -8.36
N ALA A 334 -2.56 -5.46 -7.75
CA ALA A 334 -3.79 -4.90 -7.20
C ALA A 334 -3.52 -4.07 -5.94
N VAL A 335 -2.58 -4.50 -5.10
CA VAL A 335 -2.19 -3.69 -3.94
C VAL A 335 -1.70 -2.34 -4.42
N LEU A 336 -0.84 -2.34 -5.44
CA LEU A 336 -0.34 -1.09 -5.98
C LEU A 336 -1.46 -0.29 -6.64
N SER A 337 -2.41 -0.98 -7.31
CA SER A 337 -3.52 -0.28 -7.94
C SER A 337 -4.39 0.41 -6.89
N LEU A 338 -4.59 -0.21 -5.73
CA LEU A 338 -5.37 0.44 -4.69
C LEU A 338 -4.65 1.65 -4.15
N HIS A 339 -3.35 1.53 -3.92
CA HIS A 339 -2.55 2.66 -3.45
C HIS A 339 -2.65 3.82 -4.43
N GLU A 340 -2.59 3.52 -5.72
CA GLU A 340 -2.70 4.53 -6.76
C GLU A 340 -4.09 5.15 -6.77
N MET A 341 -5.14 4.33 -6.71
CA MET A 341 -6.49 4.84 -6.82
C MET A 341 -6.85 5.72 -5.63
N PHE A 342 -6.64 5.23 -4.42
CA PHE A 342 -6.98 6.03 -3.25
C PHE A 342 -6.07 7.25 -3.12
N GLY A 343 -4.80 7.12 -3.51
CA GLY A 343 -3.91 8.26 -3.43
C GLY A 343 -4.24 9.34 -4.44
N SER A 344 -4.80 8.96 -5.59
CA SER A 344 -5.20 9.94 -6.57
C SER A 344 -6.60 10.48 -6.31
N GLY A 345 -7.41 9.77 -5.54
CA GLY A 345 -8.78 10.16 -5.28
C GLY A 345 -9.76 9.86 -6.40
N LYS A 346 -9.37 9.04 -7.38
CA LYS A 346 -10.23 8.72 -8.51
C LYS A 346 -9.75 7.45 -9.20
N ARG A 347 -10.67 6.80 -9.93
CA ARG A 347 -10.31 5.59 -10.66
C ARG A 347 -9.30 5.89 -11.76
N GLN A 348 -8.39 4.96 -11.97
CA GLN A 348 -7.46 4.99 -13.09
C GLN A 348 -8.20 5.10 -14.41
N SER A 349 -7.53 5.62 -15.44
CA SER A 349 -8.20 5.80 -16.73
C SER A 349 -8.35 4.49 -17.50
N ASP A 350 -7.62 3.45 -17.13
CA ASP A 350 -7.68 2.17 -17.81
C ASP A 350 -7.55 1.05 -16.79
N TRP A 351 -7.89 -0.16 -17.21
CA TRP A 351 -7.73 -1.32 -16.35
C TRP A 351 -7.47 -2.56 -17.18
N ARG A 352 -6.99 -3.61 -16.51
CA ARG A 352 -6.86 -4.89 -17.15
C ARG A 352 -6.92 -5.99 -16.10
N ILE A 353 -7.46 -7.12 -16.53
CA ILE A 353 -7.52 -8.35 -15.75
C ILE A 353 -6.44 -9.28 -16.29
N LEU A 354 -5.62 -9.79 -15.40
CA LEU A 354 -4.54 -10.68 -15.81
C LEU A 354 -5.07 -11.99 -16.39
N ASP A 355 -4.66 -12.27 -17.63
CA ASP A 355 -4.91 -13.53 -18.29
C ASP A 355 -3.92 -14.59 -17.79
N GLU A 356 -4.33 -15.86 -17.87
CA GLU A 356 -3.41 -16.93 -17.48
C GLU A 356 -2.13 -16.88 -18.31
N THR A 357 -2.23 -16.46 -19.58
CA THR A 357 -1.04 -16.35 -20.42
C THR A 357 -0.08 -15.27 -19.93
N GLU A 358 -0.57 -14.33 -19.12
CA GLU A 358 0.24 -13.21 -18.63
C GLU A 358 0.81 -13.45 -17.24
N ILE A 359 0.48 -14.57 -16.61
CA ILE A 359 0.84 -14.84 -15.22
C ILE A 359 2.04 -15.79 -15.21
N VAL A 360 3.11 -15.37 -14.55
CA VAL A 360 4.35 -16.15 -14.57
C VAL A 360 4.35 -17.22 -13.50
N ASP A 361 3.72 -16.97 -12.36
CA ASP A 361 3.66 -17.93 -11.26
C ASP A 361 2.65 -17.39 -10.25
N GLY A 362 2.43 -18.17 -9.20
CA GLY A 362 1.64 -17.73 -8.07
C GLY A 362 0.43 -18.62 -7.81
N ILE A 363 -0.21 -18.35 -6.67
CA ILE A 363 -1.37 -19.09 -6.21
C ILE A 363 -2.46 -18.12 -5.77
N ASP A 364 -3.66 -18.63 -5.63
CA ASP A 364 -4.72 -17.91 -4.92
C ASP A 364 -5.01 -18.71 -3.66
N GLU A 365 -4.39 -18.30 -2.56
CA GLU A 365 -4.54 -18.97 -1.28
C GLU A 365 -5.77 -18.40 -0.59
N LEU A 366 -6.84 -19.19 -0.55
CA LEU A 366 -8.14 -18.72 -0.10
C LEU A 366 -8.70 -19.71 0.90
N GLY A 367 -8.93 -19.25 2.12
CA GLY A 367 -9.40 -20.12 3.17
C GLY A 367 -10.12 -19.34 4.25
N VAL A 368 -10.50 -20.06 5.29
CA VAL A 368 -11.18 -19.50 6.45
C VAL A 368 -10.28 -19.68 7.65
N LEU A 369 -10.12 -18.62 8.43
CA LEU A 369 -9.28 -18.62 9.63
C LEU A 369 -10.23 -18.53 10.82
N LEU A 370 -10.42 -19.66 11.49
CA LEU A 370 -11.24 -19.74 12.70
C LEU A 370 -10.36 -19.49 13.91
N TYR A 371 -10.75 -18.54 14.75
CA TYR A 371 -9.91 -18.17 15.87
C TYR A 371 -10.67 -18.06 17.18
N GLY A 372 -9.91 -18.08 18.28
CA GLY A 372 -10.44 -17.88 19.61
C GLY A 372 -10.68 -19.15 20.40
N HIS A 373 -10.52 -20.30 19.74
CA HIS A 373 -10.72 -21.61 20.35
C HIS A 373 -9.45 -22.07 21.04
N GLY A 374 -9.48 -23.30 21.56
CA GLY A 374 -8.39 -23.82 22.37
C GLY A 374 -7.07 -23.99 21.65
N LYS A 375 -7.07 -24.06 20.33
CA LYS A 375 -5.84 -24.15 19.55
C LYS A 375 -5.52 -22.83 18.84
N ASN A 376 -6.10 -21.74 19.33
CA ASN A 376 -5.83 -20.36 18.95
C ASN A 376 -6.43 -20.02 17.59
N ALA A 377 -5.83 -20.52 16.51
CA ALA A 377 -6.33 -20.22 15.18
C ALA A 377 -6.07 -21.38 14.23
N TYR A 378 -6.98 -21.56 13.28
CA TYR A 378 -6.96 -22.67 12.34
C TYR A 378 -7.39 -22.15 10.97
N TRP A 379 -6.53 -22.32 9.97
CA TRP A 379 -6.80 -21.91 8.60
C TRP A 379 -7.07 -23.14 7.76
N TYR A 380 -8.20 -23.13 7.04
CA TYR A 380 -8.56 -24.25 6.19
C TYR A 380 -8.97 -23.69 4.82
N GLY A 381 -8.32 -24.18 3.77
CA GLY A 381 -8.70 -23.74 2.43
C GLY A 381 -7.77 -24.22 1.34
N SER A 382 -7.90 -23.55 0.19
CA SER A 382 -7.29 -23.92 -1.07
C SER A 382 -6.00 -23.15 -1.33
N GLN A 383 -5.02 -23.84 -1.92
CA GLN A 383 -3.74 -23.24 -2.31
C GLN A 383 -3.48 -23.39 -3.80
N LEU A 384 -4.53 -23.30 -4.59
CA LEU A 384 -4.47 -23.56 -6.01
C LEU A 384 -3.49 -22.65 -6.74
N SER A 385 -2.59 -23.26 -7.51
CA SER A 385 -1.59 -22.56 -8.29
C SER A 385 -2.05 -22.32 -9.73
N ILE A 386 -1.42 -21.34 -10.38
CA ILE A 386 -1.71 -21.06 -11.78
C ILE A 386 -1.25 -22.24 -12.63
N GLU A 387 -0.15 -22.90 -12.26
CA GLU A 387 0.32 -24.03 -13.05
C GLU A 387 -0.69 -25.17 -13.01
N GLU A 388 -1.21 -25.48 -11.84
CA GLU A 388 -2.23 -26.52 -11.76
C GLU A 388 -3.49 -26.10 -12.52
N THR A 389 -3.92 -24.85 -12.35
CA THR A 389 -5.09 -24.36 -13.08
C THR A 389 -4.99 -24.66 -14.56
N ARG A 390 -3.86 -24.31 -15.17
CA ARG A 390 -3.73 -24.46 -16.61
C ARG A 390 -3.81 -25.92 -17.03
N ARG A 391 -3.40 -26.84 -16.15
N ARG A 391 -3.41 -26.84 -16.15
CA ARG A 391 -3.44 -28.26 -16.49
CA ARG A 391 -3.44 -28.26 -16.49
C ARG A 391 -4.87 -28.80 -16.53
C ARG A 391 -4.84 -28.83 -16.49
N ILE A 392 -5.75 -28.27 -15.69
CA ILE A 392 -7.05 -28.88 -15.45
C ILE A 392 -8.22 -28.06 -15.95
N ALA A 393 -8.04 -26.80 -16.34
CA ALA A 393 -9.18 -26.02 -16.80
C ALA A 393 -8.71 -24.91 -17.72
N PRO A 394 -9.41 -24.66 -18.83
CA PRO A 394 -8.99 -23.62 -19.76
C PRO A 394 -9.58 -22.25 -19.45
N ASP A 395 -8.96 -21.23 -20.05
CA ASP A 395 -9.54 -19.90 -20.19
C ASP A 395 -9.67 -19.16 -18.86
N GLN A 396 -8.81 -19.44 -17.88
CA GLN A 396 -8.91 -18.74 -16.61
C GLN A 396 -7.64 -18.87 -15.78
N ASN A 397 -7.51 -17.99 -14.80
CA ASN A 397 -6.42 -18.05 -13.84
C ASN A 397 -6.90 -18.72 -12.55
N ALA A 398 -6.02 -18.80 -11.55
CA ALA A 398 -6.35 -19.55 -10.34
C ALA A 398 -7.47 -18.89 -9.55
N THR A 399 -7.58 -17.56 -9.60
CA THR A 399 -8.72 -16.88 -9.01
C THR A 399 -10.02 -17.31 -9.69
N GLY A 400 -10.04 -17.26 -11.03
CA GLY A 400 -11.25 -17.59 -11.74
C GLY A 400 -11.71 -19.02 -11.49
N LEU A 401 -10.76 -19.96 -11.41
CA LEU A 401 -11.14 -21.36 -11.33
C LEU A 401 -11.76 -21.68 -9.98
N GLN A 402 -11.27 -21.06 -8.90
CA GLN A 402 -11.94 -21.25 -7.62
C GLN A 402 -13.39 -20.78 -7.69
N VAL A 403 -13.67 -19.73 -8.45
CA VAL A 403 -15.04 -19.23 -8.54
C VAL A 403 -15.88 -20.09 -9.47
N SER A 404 -15.34 -20.39 -10.65
CA SER A 404 -16.10 -21.10 -11.66
C SER A 404 -16.43 -22.51 -11.20
N SER A 405 -15.50 -23.17 -10.50
CA SER A 405 -15.76 -24.50 -9.96
C SER A 405 -16.83 -24.48 -8.86
N ALA A 406 -16.91 -23.37 -8.09
CA ALA A 406 -17.99 -23.23 -7.12
C ALA A 406 -19.34 -23.06 -7.80
N VAL A 407 -19.38 -22.31 -8.90
CA VAL A 407 -20.63 -22.15 -9.65
C VAL A 407 -21.09 -23.52 -10.16
N LEU A 408 -20.15 -24.29 -10.72
CA LEU A 408 -20.43 -25.66 -11.12
C LEU A 408 -21.04 -26.47 -9.98
N ALA A 409 -20.42 -26.41 -8.80
CA ALA A 409 -20.94 -27.18 -7.67
C ALA A 409 -22.36 -26.75 -7.33
N GLY A 410 -22.62 -25.45 -7.29
CA GLY A 410 -23.97 -24.98 -7.00
C GLY A 410 -24.97 -25.39 -8.06
N MET A 411 -24.53 -25.47 -9.31
CA MET A 411 -25.42 -25.91 -10.39
C MET A 411 -25.77 -27.37 -10.22
N VAL A 412 -24.78 -28.21 -9.90
CA VAL A 412 -25.06 -29.62 -9.64
C VAL A 412 -26.03 -29.78 -8.48
N TRP A 413 -25.80 -29.03 -7.40
CA TRP A 413 -26.69 -29.11 -6.26
C TRP A 413 -28.10 -28.66 -6.63
N ALA A 414 -28.22 -27.61 -7.45
CA ALA A 414 -29.55 -27.10 -7.79
C ALA A 414 -30.32 -28.11 -8.63
N LEU A 415 -29.64 -28.79 -9.55
CA LEU A 415 -30.31 -29.78 -10.38
C LEU A 415 -30.75 -30.97 -9.55
N GLU A 416 -30.01 -31.31 -8.50
CA GLU A 416 -30.35 -32.41 -7.60
C GLU A 416 -31.35 -31.99 -6.53
N ASN A 417 -31.61 -30.69 -6.39
CA ASN A 417 -32.48 -30.14 -5.37
C ASN A 417 -33.20 -28.95 -5.97
N PRO A 418 -34.05 -29.16 -6.98
CA PRO A 418 -34.55 -28.04 -7.80
C PRO A 418 -35.78 -27.34 -7.25
N ASN A 419 -36.32 -27.77 -6.11
CA ASN A 419 -37.44 -27.08 -5.48
C ASN A 419 -37.09 -26.71 -4.04
N ALA A 420 -35.91 -26.13 -3.85
CA ALA A 420 -35.41 -25.75 -2.55
C ALA A 420 -35.65 -24.28 -2.22
N GLY A 421 -36.21 -23.52 -3.15
CA GLY A 421 -36.42 -22.10 -2.92
C GLY A 421 -35.13 -21.32 -3.01
N ILE A 422 -35.19 -20.09 -2.50
CA ILE A 422 -34.02 -19.23 -2.45
C ILE A 422 -33.08 -19.77 -1.39
N VAL A 423 -31.84 -20.08 -1.79
CA VAL A 423 -30.85 -20.62 -0.86
C VAL A 423 -29.54 -19.85 -0.98
N GLU A 424 -28.82 -19.79 0.13
CA GLU A 424 -27.45 -19.29 0.17
C GLU A 424 -26.49 -20.48 0.22
N ALA A 425 -25.21 -20.21 -0.01
CA ALA A 425 -24.22 -21.28 0.01
C ALA A 425 -24.21 -22.01 1.35
N ASP A 426 -24.59 -21.31 2.43
CA ASP A 426 -24.67 -21.93 3.75
C ASP A 426 -25.79 -22.94 3.86
N ASP A 427 -26.74 -22.90 2.93
CA ASP A 427 -27.89 -23.80 2.96
C ASP A 427 -27.65 -25.08 2.17
N LEU A 428 -26.64 -25.10 1.30
CA LEU A 428 -26.38 -26.27 0.47
C LEU A 428 -25.70 -27.37 1.29
N ASP A 429 -25.74 -28.58 0.73
CA ASP A 429 -25.04 -29.74 1.29
C ASP A 429 -23.55 -29.59 1.01
N PHE A 430 -22.78 -29.22 2.03
CA PHE A 430 -21.39 -28.84 1.77
C PHE A 430 -20.56 -30.03 1.28
N ARG A 431 -20.87 -31.25 1.71
CA ARG A 431 -20.04 -32.37 1.28
C ARG A 431 -20.23 -32.65 -0.20
N ARG A 432 -21.48 -32.59 -0.69
CA ARG A 432 -21.72 -32.79 -2.12
C ARG A 432 -21.09 -31.68 -2.94
N CYS A 433 -21.21 -30.43 -2.49
CA CYS A 433 -20.62 -29.33 -3.23
C CYS A 433 -19.10 -29.47 -3.29
N LEU A 434 -18.47 -29.80 -2.15
CA LEU A 434 -17.02 -29.98 -2.16
C LEU A 434 -16.63 -31.21 -2.96
N GLU A 435 -17.47 -32.24 -3.01
CA GLU A 435 -17.19 -33.40 -3.84
C GLU A 435 -17.10 -33.00 -5.31
N VAL A 436 -17.95 -32.08 -5.76
CA VAL A 436 -17.87 -31.59 -7.13
C VAL A 436 -16.70 -30.63 -7.32
N GLN A 437 -16.46 -29.76 -6.34
CA GLN A 437 -15.49 -28.69 -6.54
C GLN A 437 -14.04 -29.13 -6.33
N THR A 438 -13.79 -30.06 -5.41
CA THR A 438 -12.42 -30.33 -4.97
C THR A 438 -11.44 -30.67 -6.09
N PRO A 439 -11.85 -31.33 -7.18
CA PRO A 439 -10.89 -31.58 -8.27
C PRO A 439 -10.27 -30.32 -8.84
N TYR A 440 -10.85 -29.15 -8.57
CA TYR A 440 -10.40 -27.90 -9.16
C TYR A 440 -9.74 -26.97 -8.14
N LEU A 441 -9.48 -27.46 -6.93
CA LEU A 441 -9.02 -26.60 -5.84
C LEU A 441 -7.56 -26.79 -5.47
N GLY A 442 -6.86 -27.73 -6.11
CA GLY A 442 -5.49 -28.01 -5.78
C GLY A 442 -5.35 -28.44 -4.33
N PRO A 443 -4.20 -28.19 -3.71
CA PRO A 443 -4.05 -28.50 -2.28
C PRO A 443 -5.12 -27.82 -1.44
N VAL A 444 -5.87 -28.62 -0.70
CA VAL A 444 -6.80 -28.12 0.32
C VAL A 444 -6.30 -28.63 1.67
N VAL A 445 -5.92 -27.70 2.55
CA VAL A 445 -5.19 -28.04 3.76
C VAL A 445 -5.69 -27.22 4.95
N GLY A 446 -5.53 -27.80 6.13
CA GLY A 446 -5.79 -27.12 7.40
C GLY A 446 -4.47 -26.95 8.13
N VAL A 447 -4.28 -25.77 8.70
CA VAL A 447 -3.03 -25.38 9.33
C VAL A 447 -3.36 -24.63 10.61
N TYR A 448 -2.78 -25.03 11.73
CA TYR A 448 -2.86 -24.25 12.96
C TYR A 448 -1.72 -23.25 13.04
N THR A 449 -1.97 -22.16 13.75
CA THR A 449 -0.92 -21.20 14.03
C THR A 449 -1.08 -20.64 15.43
N ASP A 450 0.05 -20.26 16.03
N ASP A 450 0.05 -20.26 16.03
CA ASP A 450 0.06 -19.54 17.29
CA ASP A 450 0.07 -19.55 17.30
C ASP A 450 0.05 -18.03 17.11
C ASP A 450 0.05 -18.04 17.12
N TRP A 451 0.07 -17.55 15.88
CA TRP A 451 0.00 -16.11 15.64
C TRP A 451 -1.28 -15.53 16.21
N THR A 452 -1.18 -14.34 16.79
CA THR A 452 -2.37 -13.55 17.11
C THR A 452 -2.15 -12.09 16.70
N PRO A 453 -3.22 -11.28 16.68
CA PRO A 453 -3.09 -9.87 16.31
C PRO A 453 -2.23 -9.06 17.27
N LEU A 454 -1.92 -9.57 18.46
CA LEU A 454 -1.07 -8.89 19.41
C LEU A 454 0.38 -9.33 19.32
N ALA A 455 0.70 -10.23 18.40
CA ALA A 455 2.09 -10.59 18.14
C ALA A 455 2.93 -9.32 17.99
N GLY A 456 3.99 -9.22 18.80
CA GLY A 456 4.92 -8.10 18.72
C GLY A 456 4.41 -6.82 19.33
N ARG A 457 3.29 -6.84 20.02
CA ARG A 457 2.63 -5.62 20.48
C ARG A 457 2.36 -5.70 21.97
N PRO A 458 2.44 -4.56 22.67
CA PRO A 458 2.76 -3.23 22.12
C PRO A 458 4.24 -3.10 21.75
N GLY A 459 4.55 -2.19 20.82
CA GLY A 459 5.90 -2.02 20.33
C GLY A 459 6.45 -0.62 20.59
N LEU A 460 7.08 -0.04 19.56
CA LEU A 460 7.75 1.25 19.70
C LEU A 460 6.80 2.33 20.22
N PHE A 461 5.53 2.28 19.82
CA PHE A 461 4.61 3.39 20.09
C PHE A 461 3.42 2.91 20.91
N PRO A 462 2.80 3.80 21.68
CA PRO A 462 1.58 3.43 22.39
C PRO A 462 0.46 3.16 21.40
N GLU A 463 -0.33 2.12 21.70
CA GLU A 463 -1.43 1.73 20.85
C GLU A 463 -2.64 1.43 21.73
N ASP A 464 -3.82 1.61 21.15
CA ASP A 464 -5.08 1.36 21.85
C ASP A 464 -5.47 -0.09 21.61
N ILE A 465 -4.89 -0.98 22.42
CA ILE A 465 -5.13 -2.41 22.28
C ILE A 465 -5.86 -2.92 23.51
N ASP A 466 -6.43 -4.11 23.36
CA ASP A 466 -7.08 -4.84 24.44
C ASP A 466 -6.21 -6.06 24.73
N THR A 467 -5.43 -5.98 25.81
CA THR A 467 -4.48 -7.05 26.11
C THR A 467 -5.16 -8.27 26.71
N SER A 468 -6.42 -8.17 27.12
CA SER A 468 -7.08 -9.29 27.75
C SER A 468 -7.51 -10.37 26.75
N ASP A 469 -7.66 -10.02 25.47
CA ASP A 469 -8.17 -10.95 24.46
C ASP A 469 -7.58 -10.56 23.13
N PRO A 470 -6.59 -11.32 22.64
CA PRO A 470 -5.85 -10.91 21.44
C PRO A 470 -6.69 -10.75 20.20
N TRP A 471 -7.79 -11.49 20.07
CA TRP A 471 -8.54 -11.52 18.82
C TRP A 471 -9.64 -10.46 18.73
N GLN A 472 -9.79 -9.61 19.74
CA GLN A 472 -10.71 -8.48 19.63
C GLN A 472 -10.48 -7.70 18.35
N PHE A 473 -11.57 -7.25 17.73
CA PHE A 473 -11.48 -6.38 16.56
C PHE A 473 -10.64 -5.14 16.86
N ARG A 474 -10.72 -4.63 18.10
CA ARG A 474 -9.88 -3.50 18.49
C ARG A 474 -8.41 -3.75 18.17
N ASN A 475 -7.96 -5.00 18.29
CA ASN A 475 -6.58 -5.37 17.98
C ASN A 475 -6.35 -5.69 16.51
N VAL A 476 -7.39 -6.15 15.81
CA VAL A 476 -7.24 -6.53 14.40
C VAL A 476 -7.23 -5.31 13.51
N LEU A 477 -8.12 -4.36 13.76
CA LEU A 477 -8.27 -3.20 12.89
C LEU A 477 -7.01 -2.33 12.95
N VAL A 478 -6.55 -1.90 11.78
CA VAL A 478 -5.39 -1.02 11.67
C VAL A 478 -5.89 0.42 11.74
N ARG A 479 -5.47 1.12 12.78
CA ARG A 479 -6.06 2.42 13.15
C ARG A 479 -4.98 3.48 13.14
N THR B 5 35.17 20.90 -23.36
CA THR B 5 33.87 20.25 -23.27
C THR B 5 33.91 19.06 -22.32
N ASP B 6 35.08 18.78 -21.76
CA ASP B 6 35.21 17.73 -20.77
C ASP B 6 34.69 18.21 -19.42
N TRP B 7 34.77 17.36 -18.41
CA TRP B 7 34.19 17.67 -17.12
C TRP B 7 35.04 18.71 -16.38
N PRO B 8 34.42 19.66 -15.70
CA PRO B 8 35.20 20.66 -14.95
C PRO B 8 35.86 20.06 -13.71
N VAL B 9 37.10 20.48 -13.47
CA VAL B 9 37.82 20.15 -12.25
C VAL B 9 37.76 21.39 -11.36
N TYR B 10 37.07 21.29 -10.23
CA TYR B 10 36.75 22.49 -9.46
C TYR B 10 37.83 22.93 -8.49
N HIS B 11 38.65 22.00 -8.01
CA HIS B 11 39.53 22.31 -6.88
C HIS B 11 40.54 21.19 -6.74
N ARG B 12 41.67 21.52 -6.14
CA ARG B 12 42.63 20.53 -5.70
C ARG B 12 42.40 20.23 -4.22
N ILE B 13 42.36 18.96 -3.88
CA ILE B 13 42.28 18.53 -2.49
C ILE B 13 43.69 18.14 -2.07
N ASP B 14 44.25 18.90 -1.13
CA ASP B 14 45.67 18.83 -0.82
C ASP B 14 45.97 17.94 0.37
N GLY B 15 45.08 16.99 0.68
CA GLY B 15 45.25 16.13 1.81
C GLY B 15 44.47 14.84 1.60
N PRO B 16 44.40 14.01 2.63
CA PRO B 16 43.66 12.73 2.48
C PRO B 16 42.18 12.96 2.22
N ILE B 17 41.59 12.05 1.45
CA ILE B 17 40.14 11.96 1.31
C ILE B 17 39.72 10.63 1.94
N VAL B 18 39.00 10.68 3.05
CA VAL B 18 38.56 9.52 3.78
C VAL B 18 37.06 9.37 3.57
N MET B 19 36.66 8.38 2.78
CA MET B 19 35.25 8.07 2.55
CA MET B 19 35.24 8.08 2.57
C MET B 19 34.83 6.99 3.54
N ILE B 20 33.90 7.33 4.43
CA ILE B 20 33.35 6.39 5.39
C ILE B 20 32.04 5.87 4.83
N GLY B 21 32.01 4.58 4.50
CA GLY B 21 30.84 3.99 3.89
C GLY B 21 30.94 3.92 2.38
N PHE B 22 30.67 2.75 1.84
CA PHE B 22 30.76 2.49 0.41
C PHE B 22 29.56 1.65 -0.02
N GLY B 23 28.37 2.13 0.37
CA GLY B 23 27.10 1.58 -0.07
C GLY B 23 26.63 2.29 -1.33
N SER B 24 25.30 2.38 -1.51
CA SER B 24 24.83 2.91 -2.78
C SER B 24 25.30 4.35 -2.99
N ILE B 25 25.34 5.16 -1.93
CA ILE B 25 25.72 6.54 -2.15
C ILE B 25 27.23 6.67 -2.28
N GLY B 26 28.00 5.98 -1.44
CA GLY B 26 29.44 6.01 -1.60
C GLY B 26 29.89 5.59 -2.98
N ARG B 27 29.30 4.51 -3.51
CA ARG B 27 29.66 4.03 -4.84
C ARG B 27 29.36 5.07 -5.91
N GLY B 28 28.33 5.89 -5.71
CA GLY B 28 27.98 6.89 -6.69
C GLY B 28 28.79 8.16 -6.55
N THR B 29 29.29 8.42 -5.34
CA THR B 29 30.02 9.65 -5.06
C THR B 29 31.49 9.52 -5.43
N LEU B 30 32.09 8.35 -5.21
CA LEU B 30 33.49 8.15 -5.57
C LEU B 30 33.81 8.57 -7.00
N PRO B 31 33.10 8.13 -8.03
CA PRO B 31 33.46 8.58 -9.40
C PRO B 31 33.32 10.07 -9.58
N LEU B 32 32.43 10.74 -8.87
CA LEU B 32 32.31 12.19 -9.03
C LEU B 32 33.47 12.91 -8.34
N ILE B 33 33.92 12.40 -7.20
CA ILE B 33 35.11 12.95 -6.55
C ILE B 33 36.32 12.80 -7.46
N GLU B 34 36.47 11.62 -8.06
CA GLU B 34 37.61 11.38 -8.95
C GLU B 34 37.54 12.28 -10.18
N ARG B 35 36.33 12.50 -10.67
CA ARG B 35 36.14 13.29 -11.88
C ARG B 35 36.43 14.77 -11.66
N HIS B 36 36.01 15.31 -10.51
CA HIS B 36 35.90 16.76 -10.37
C HIS B 36 36.93 17.40 -9.46
N PHE B 37 37.77 16.62 -8.79
CA PHE B 37 38.81 17.17 -7.93
C PHE B 37 40.17 16.61 -8.35
N ALA B 38 41.19 17.45 -8.23
CA ALA B 38 42.56 17.04 -8.47
C ALA B 38 43.19 16.59 -7.15
N PHE B 39 43.76 15.38 -7.16
CA PHE B 39 44.48 14.86 -6.02
C PHE B 39 45.24 13.63 -6.45
N ASP B 40 46.34 13.35 -5.75
CA ASP B 40 47.06 12.09 -5.94
C ASP B 40 46.14 10.93 -5.56
N ARG B 41 46.00 9.98 -6.48
CA ARG B 41 45.04 8.90 -6.30
C ARG B 41 45.22 8.18 -4.97
N SER B 42 46.47 8.05 -4.49
CA SER B 42 46.71 7.32 -3.25
C SER B 42 46.22 8.06 -2.02
N LYS B 43 45.77 9.32 -2.17
CA LYS B 43 45.27 10.07 -1.02
C LYS B 43 43.90 9.59 -0.57
N LEU B 44 43.17 8.89 -1.44
CA LEU B 44 41.80 8.50 -1.16
C LEU B 44 41.78 7.10 -0.56
N VAL B 45 41.00 6.95 0.52
CA VAL B 45 40.81 5.65 1.16
C VAL B 45 39.35 5.53 1.61
N VAL B 46 38.79 4.34 1.41
CA VAL B 46 37.41 4.02 1.73
C VAL B 46 37.41 3.10 2.93
N ILE B 47 36.50 3.35 3.87
CA ILE B 47 36.34 2.54 5.07
C ILE B 47 34.91 2.00 5.09
N ASP B 48 34.77 0.68 5.19
CA ASP B 48 33.46 0.02 5.18
C ASP B 48 33.65 -1.43 5.62
N PRO B 49 32.80 -1.96 6.51
CA PRO B 49 33.00 -3.34 6.97
C PRO B 49 32.55 -4.42 5.99
N SER B 50 31.94 -4.05 4.87
CA SER B 50 31.25 -5.01 4.01
C SER B 50 32.19 -5.72 3.03
N ASP B 51 32.04 -7.04 2.93
CA ASP B 51 32.79 -7.79 1.91
C ASP B 51 32.37 -7.36 0.51
N GLU B 52 31.06 -7.17 0.29
CA GLU B 52 30.58 -6.70 -1.01
C GLU B 52 31.23 -5.37 -1.36
N ALA B 53 31.28 -4.44 -0.41
CA ALA B 53 31.92 -3.16 -0.66
C ALA B 53 33.41 -3.34 -0.95
N ARG B 54 34.08 -4.23 -0.21
CA ARG B 54 35.51 -4.45 -0.45
C ARG B 54 35.76 -4.88 -1.89
N LYS B 55 34.97 -5.82 -2.39
CA LYS B 55 35.19 -6.35 -3.73
C LYS B 55 34.98 -5.28 -4.81
N LEU B 56 33.99 -4.41 -4.62
CA LEU B 56 33.80 -3.31 -5.56
C LEU B 56 34.95 -2.32 -5.50
N ALA B 57 35.40 -1.95 -4.30
CA ALA B 57 36.52 -1.03 -4.20
C ALA B 57 37.77 -1.60 -4.88
N GLU B 58 38.04 -2.89 -4.66
CA GLU B 58 39.17 -3.52 -5.33
C GLU B 58 39.05 -3.40 -6.84
N ALA B 59 37.86 -3.63 -7.39
CA ALA B 59 37.65 -3.50 -8.83
C ALA B 59 37.82 -2.06 -9.29
N ARG B 60 37.53 -1.09 -8.43
CA ARG B 60 37.72 0.32 -8.77
C ARG B 60 39.16 0.77 -8.56
N GLY B 61 39.99 -0.06 -7.96
CA GLY B 61 41.38 0.27 -7.74
C GLY B 61 41.65 1.24 -6.63
N VAL B 62 40.78 1.31 -5.62
CA VAL B 62 40.95 2.30 -4.55
C VAL B 62 41.32 1.61 -3.25
N ARG B 63 42.09 2.33 -2.43
CA ARG B 63 42.43 1.86 -1.10
C ARG B 63 41.16 1.61 -0.29
N PHE B 64 41.16 0.52 0.46
CA PHE B 64 39.97 0.09 1.17
C PHE B 64 40.38 -0.54 2.49
N ILE B 65 39.78 -0.04 3.57
CA ILE B 65 39.99 -0.55 4.92
C ILE B 65 38.68 -1.18 5.37
N GLN B 66 38.70 -2.50 5.61
CA GLN B 66 37.46 -3.21 5.91
C GLN B 66 37.25 -3.18 7.42
N GLN B 67 36.61 -2.11 7.89
CA GLN B 67 36.41 -1.92 9.32
C GLN B 67 35.13 -1.12 9.53
N ALA B 68 34.35 -1.49 10.56
CA ALA B 68 33.25 -0.67 11.03
C ALA B 68 33.78 0.42 11.96
N VAL B 69 33.44 1.66 11.65
CA VAL B 69 33.81 2.78 12.52
C VAL B 69 32.86 2.83 13.70
N THR B 70 33.41 2.83 14.92
CA THR B 70 32.59 2.76 16.12
C THR B 70 33.06 3.82 17.11
N ARG B 71 32.26 4.03 18.15
CA ARG B 71 32.70 4.95 19.20
C ARG B 71 34.04 4.53 19.77
N ASP B 72 34.30 3.21 19.81
N ASP B 72 34.30 3.21 19.83
CA ASP B 72 35.49 2.70 20.47
CA ASP B 72 35.51 2.74 20.49
C ASP B 72 36.76 2.91 19.66
C ASP B 72 36.76 2.94 19.65
N ASN B 73 36.66 2.95 18.33
CA ASN B 73 37.84 3.02 17.48
C ASN B 73 37.93 4.29 16.63
N TYR B 74 36.93 5.16 16.60
CA TYR B 74 36.94 6.18 15.57
C TYR B 74 38.10 7.17 15.75
N ARG B 75 38.51 7.47 16.99
CA ARG B 75 39.63 8.38 17.16
C ARG B 75 40.93 7.75 16.67
N GLU B 76 41.19 6.50 17.05
CA GLU B 76 42.46 5.87 16.68
C GLU B 76 42.52 5.58 15.19
N LEU B 77 41.36 5.39 14.55
CA LEU B 77 41.31 5.14 13.12
C LEU B 77 41.36 6.42 12.32
N LEU B 78 40.50 7.39 12.65
CA LEU B 78 40.28 8.51 11.76
C LEU B 78 41.28 9.64 11.95
N VAL B 79 41.82 9.88 13.14
CA VAL B 79 42.75 11.00 13.31
C VAL B 79 44.00 10.80 12.46
N PRO B 80 44.69 9.66 12.50
CA PRO B 80 45.86 9.49 11.62
C PRO B 80 45.50 9.61 10.15
N LEU B 81 44.37 9.04 9.73
CA LEU B 81 44.03 9.04 8.32
C LEU B 81 43.73 10.46 7.82
N LEU B 82 43.05 11.27 8.63
CA LEU B 82 42.67 12.61 8.21
C LEU B 82 43.81 13.62 8.29
N THR B 83 44.83 13.35 9.10
CA THR B 83 45.93 14.29 9.30
C THR B 83 47.21 13.88 8.57
N ALA B 84 47.12 12.93 7.64
CA ALA B 84 48.32 12.40 6.98
C ALA B 84 49.01 13.44 6.10
N GLY B 85 48.32 14.52 5.74
CA GLY B 85 48.96 15.64 5.05
C GLY B 85 49.03 15.47 3.55
N PRO B 86 49.71 16.40 2.86
CA PRO B 86 50.44 17.53 3.45
C PRO B 86 49.54 18.67 3.90
N GLY B 87 48.35 18.72 3.32
CA GLY B 87 47.42 19.79 3.59
C GLY B 87 46.12 19.30 4.17
N GLN B 88 45.07 20.09 3.97
CA GLN B 88 43.78 19.81 4.58
C GLN B 88 43.10 18.65 3.88
N GLY B 89 42.68 17.66 4.66
CA GLY B 89 41.95 16.53 4.13
C GLY B 89 40.45 16.79 4.15
N PHE B 90 39.70 15.79 3.68
CA PHE B 90 38.25 15.88 3.57
C PHE B 90 37.67 14.54 4.03
N CYS B 91 36.84 14.58 5.07
CA CYS B 91 36.10 13.41 5.54
C CYS B 91 34.74 13.41 4.86
N VAL B 92 34.46 12.38 4.07
CA VAL B 92 33.22 12.25 3.31
C VAL B 92 32.45 11.09 3.94
N ASN B 93 31.46 11.41 4.78
CA ASN B 93 30.77 10.41 5.58
C ASN B 93 29.45 10.03 4.90
N LEU B 94 29.39 8.81 4.39
CA LEU B 94 28.23 8.29 3.66
C LEU B 94 27.82 6.93 4.20
N SER B 95 27.79 6.81 5.52
CA SER B 95 27.65 5.51 6.18
C SER B 95 26.32 5.42 6.92
N VAL B 96 25.93 4.19 7.28
CA VAL B 96 24.94 3.98 8.31
C VAL B 96 25.68 3.68 9.61
N ASP B 97 24.99 3.84 10.74
CA ASP B 97 25.39 3.32 12.05
C ASP B 97 26.54 4.08 12.72
N THR B 98 26.90 5.26 12.21
CA THR B 98 27.98 6.07 12.77
C THR B 98 27.44 7.41 13.25
N SER B 99 28.07 7.96 14.29
CA SER B 99 27.65 9.24 14.87
C SER B 99 28.13 10.38 13.98
N SER B 100 27.19 11.04 13.30
CA SER B 100 27.52 12.19 12.48
C SER B 100 28.20 13.28 13.30
N LEU B 101 27.68 13.56 14.49
CA LEU B 101 28.20 14.65 15.30
C LEU B 101 29.60 14.34 15.81
N ASP B 102 29.82 13.13 16.33
CA ASP B 102 31.14 12.80 16.86
C ASP B 102 32.19 12.83 15.77
N ILE B 103 31.90 12.26 14.59
CA ILE B 103 32.88 12.28 13.50
C ILE B 103 33.09 13.71 13.02
N MET B 104 32.01 14.48 12.88
CA MET B 104 32.11 15.89 12.49
C MET B 104 33.03 16.65 13.43
N GLU B 105 32.82 16.51 14.73
CA GLU B 105 33.62 17.24 15.71
C GLU B 105 35.08 16.81 15.67
N LEU B 106 35.34 15.51 15.48
CA LEU B 106 36.71 15.02 15.35
C LEU B 106 37.39 15.63 14.13
N ALA B 107 36.69 15.63 12.99
CA ALA B 107 37.25 16.26 11.79
C ALA B 107 37.61 17.72 12.04
N ARG B 108 36.66 18.50 12.60
CA ARG B 108 36.93 19.90 12.85
C ARG B 108 38.10 20.09 13.80
N GLU B 109 38.15 19.29 14.88
CA GLU B 109 39.22 19.41 15.85
C GLU B 109 40.58 19.25 15.21
N ASN B 110 40.64 18.51 14.10
CA ASN B 110 41.88 18.19 13.44
C ASN B 110 42.03 18.91 12.11
N GLY B 111 41.17 19.88 11.84
CA GLY B 111 41.34 20.72 10.67
C GLY B 111 40.96 20.10 9.35
N ALA B 112 40.21 19.00 9.36
CA ALA B 112 39.74 18.36 8.13
C ALA B 112 38.33 18.84 7.82
N LEU B 113 38.06 19.10 6.54
CA LEU B 113 36.72 19.38 6.08
C LEU B 113 35.85 18.14 6.24
N TYR B 114 34.53 18.36 6.32
CA TYR B 114 33.61 17.27 6.63
C TYR B 114 32.30 17.46 5.87
N ILE B 115 31.71 16.37 5.39
CA ILE B 115 30.35 16.43 4.84
C ILE B 115 29.64 15.13 5.15
N ASP B 116 28.33 15.22 5.40
CA ASP B 116 27.49 14.03 5.52
C ASP B 116 26.11 14.32 4.92
N THR B 117 25.23 13.31 4.95
CA THR B 117 23.90 13.42 4.37
C THR B 117 22.80 13.12 5.39
N VAL B 118 23.13 13.02 6.67
CA VAL B 118 22.18 12.60 7.68
C VAL B 118 22.80 12.88 9.03
N VAL B 119 21.98 13.22 10.03
CA VAL B 119 22.41 13.21 11.42
C VAL B 119 21.86 11.93 12.04
N GLN B 120 22.74 11.13 12.61
CA GLN B 120 22.34 9.87 13.22
C GLN B 120 23.33 9.53 14.30
N PRO B 121 22.96 8.65 15.22
CA PRO B 121 23.87 8.30 16.31
C PRO B 121 24.73 7.08 16.01
N TRP B 122 25.64 6.76 16.93
CA TRP B 122 26.33 5.47 16.88
C TRP B 122 25.29 4.37 16.96
N LEU B 123 25.50 3.31 16.19
CA LEU B 123 24.68 2.11 16.29
C LEU B 123 24.31 1.78 17.72
N LEU B 131 14.51 3.82 24.53
CA LEU B 131 14.52 5.21 24.07
C LEU B 131 13.11 5.71 23.80
N LYS B 132 12.76 6.86 24.38
CA LYS B 132 11.42 7.40 24.20
C LYS B 132 11.32 8.13 22.86
N PRO B 133 10.11 8.18 22.27
CA PRO B 133 9.99 8.67 20.88
C PRO B 133 10.61 10.04 20.61
N GLU B 134 10.48 11.00 21.53
CA GLU B 134 11.05 12.31 21.28
C GLU B 134 12.56 12.25 21.10
N ALA B 135 13.23 11.29 21.75
CA ALA B 135 14.67 11.15 21.63
C ALA B 135 15.07 10.58 20.27
N ARG B 136 14.17 9.87 19.60
CA ARG B 136 14.42 9.33 18.27
C ARG B 136 14.21 10.37 17.18
N SER B 137 14.07 11.64 17.52
CA SER B 137 13.60 12.62 16.56
C SER B 137 14.77 13.32 15.87
N ASN B 138 14.57 13.60 14.58
CA ASN B 138 15.52 14.40 13.83
C ASN B 138 15.60 15.82 14.35
N TYR B 139 14.52 16.33 14.93
CA TYR B 139 14.57 17.61 15.62
C TYR B 139 15.65 17.61 16.69
N ALA B 140 15.63 16.61 17.58
CA ALA B 140 16.59 16.53 18.65
C ALA B 140 18.02 16.36 18.14
N LEU B 141 18.21 15.51 17.12
CA LEU B 141 19.54 15.30 16.56
C LEU B 141 20.06 16.57 15.91
N ARG B 142 19.20 17.29 15.19
CA ARG B 142 19.59 18.57 14.64
C ARG B 142 19.98 19.54 15.76
N GLU B 143 19.27 19.51 16.88
CA GLU B 143 19.60 20.40 17.99
C GLU B 143 21.02 20.15 18.49
N THR B 144 21.50 18.90 18.45
CA THR B 144 22.89 18.65 18.87
C THR B 144 23.88 19.31 17.93
N VAL B 145 23.55 19.40 16.65
CA VAL B 145 24.45 20.04 15.71
C VAL B 145 24.42 21.55 15.90
N LEU B 146 23.24 22.12 16.14
CA LEU B 146 23.15 23.57 16.38
C LEU B 146 23.89 23.95 17.65
N ALA B 147 23.75 23.13 18.69
CA ALA B 147 24.48 23.36 19.94
C ALA B 147 25.99 23.31 19.71
N ALA B 148 26.45 22.34 18.92
CA ALA B 148 27.88 22.24 18.64
C ALA B 148 28.38 23.49 17.93
N ARG B 149 27.56 24.06 17.06
CA ARG B 149 27.93 25.29 16.38
C ARG B 149 28.01 26.46 17.36
N ARG B 150 27.07 26.53 18.30
CA ARG B 150 27.10 27.61 19.29
C ARG B 150 28.30 27.46 20.22
N ASN B 151 28.66 26.23 20.57
CA ASN B 151 29.80 26.00 21.46
C ASN B 151 31.11 26.39 20.79
N LYS B 152 31.24 26.15 19.49
CA LYS B 152 32.47 26.43 18.75
C LYS B 152 32.14 27.09 17.43
N PRO B 153 31.85 28.40 17.45
CA PRO B 153 31.55 29.11 16.20
C PRO B 153 32.78 29.21 15.30
N GLY B 154 32.53 29.32 14.00
CA GLY B 154 33.61 29.41 13.05
C GLY B 154 34.41 28.11 13.03
N GLY B 155 35.64 28.22 12.55
CA GLY B 155 36.50 27.07 12.43
C GLY B 155 36.29 26.39 11.09
N THR B 156 36.83 25.19 10.98
CA THR B 156 36.83 24.47 9.72
C THR B 156 35.40 24.15 9.30
N THR B 157 35.14 24.29 8.01
CA THR B 157 33.80 24.03 7.51
C THR B 157 33.42 22.57 7.67
N ALA B 158 32.21 22.34 8.16
CA ALA B 158 31.62 21.00 8.23
C ALA B 158 30.18 21.13 7.75
N VAL B 159 29.83 20.39 6.69
CA VAL B 159 28.53 20.49 6.06
C VAL B 159 27.65 19.35 6.55
N SER B 160 26.56 19.69 7.21
CA SER B 160 25.63 18.71 7.77
C SER B 160 24.45 18.53 6.83
N CYS B 161 24.12 17.27 6.54
CA CYS B 161 22.90 16.90 5.81
C CYS B 161 22.84 17.55 4.43
N CYS B 162 23.84 17.22 3.62
CA CYS B 162 23.92 17.73 2.25
C CYS B 162 23.84 16.56 1.26
N GLY B 163 22.70 15.89 1.21
CA GLY B 163 22.41 14.99 0.12
C GLY B 163 21.37 15.58 -0.82
N ALA B 164 20.51 14.73 -1.37
CA ALA B 164 19.38 15.20 -2.18
C ALA B 164 18.30 15.80 -1.31
N ASN B 165 17.95 15.11 -0.22
CA ASN B 165 16.91 15.54 0.71
C ASN B 165 17.08 14.78 2.02
N PRO B 166 17.64 15.41 3.08
CA PRO B 166 18.07 16.82 3.14
C PRO B 166 19.26 17.18 2.24
N GLY B 167 19.33 18.45 1.85
CA GLY B 167 20.41 18.96 1.02
C GLY B 167 19.92 19.81 -0.12
N MET B 168 19.92 19.22 -1.32
CA MET B 168 19.52 19.91 -2.54
C MET B 168 18.16 20.60 -2.40
N VAL B 169 17.22 19.98 -1.68
CA VAL B 169 15.88 20.55 -1.66
C VAL B 169 15.87 21.90 -0.96
N SER B 170 16.83 22.17 -0.07
CA SER B 170 16.93 23.51 0.50
C SER B 170 17.25 24.54 -0.59
N TRP B 171 18.13 24.19 -1.54
CA TRP B 171 18.44 25.08 -2.66
C TRP B 171 17.21 25.26 -3.55
N PHE B 172 16.44 24.18 -3.76
CA PHE B 172 15.23 24.26 -4.55
C PHE B 172 14.20 25.22 -3.92
N VAL B 173 14.09 25.19 -2.58
CA VAL B 173 13.14 26.07 -1.93
C VAL B 173 13.48 27.53 -2.24
N LYS B 174 14.78 27.87 -2.16
CA LYS B 174 15.21 29.23 -2.45
C LYS B 174 14.92 29.59 -3.90
N GLN B 175 15.30 28.70 -4.84
CA GLN B 175 15.01 28.98 -6.25
C GLN B 175 13.51 29.09 -6.47
N ALA B 176 12.72 28.24 -5.81
CA ALA B 176 11.28 28.28 -6.00
C ALA B 176 10.68 29.59 -5.49
N LEU B 177 11.16 30.08 -4.35
CA LEU B 177 10.68 31.35 -3.82
C LEU B 177 10.99 32.49 -4.79
N VAL B 178 12.21 32.50 -5.34
CA VAL B 178 12.58 33.50 -6.31
C VAL B 178 11.68 33.42 -7.54
N ASN B 179 11.41 32.21 -8.01
CA ASN B 179 10.56 32.05 -9.18
C ASN B 179 9.13 32.49 -8.90
N LEU B 180 8.58 32.13 -7.73
CA LEU B 180 7.23 32.56 -7.41
C LEU B 180 7.09 34.08 -7.47
N ALA B 181 8.05 34.78 -6.86
CA ALA B 181 8.03 36.24 -6.90
C ALA B 181 8.08 36.73 -8.34
N ALA B 182 9.00 36.18 -9.14
CA ALA B 182 9.16 36.67 -10.50
C ALA B 182 7.91 36.39 -11.32
N ASP B 183 7.25 35.25 -11.09
CA ASP B 183 6.05 34.89 -11.84
C ASP B 183 4.87 35.80 -11.47
N LEU B 184 4.92 36.46 -10.32
CA LEU B 184 3.93 37.47 -9.96
C LEU B 184 4.30 38.86 -10.48
N GLY B 185 5.41 38.99 -11.19
CA GLY B 185 5.86 40.29 -11.63
C GLY B 185 6.57 41.11 -10.57
N VAL B 186 6.93 40.49 -9.46
CA VAL B 186 7.71 41.18 -8.43
C VAL B 186 9.18 41.10 -8.83
N THR B 187 9.80 42.26 -9.02
CA THR B 187 11.20 42.37 -9.36
C THR B 187 11.97 42.95 -8.18
N GLY B 188 13.29 42.84 -8.25
CA GLY B 188 14.12 43.35 -7.18
C GLY B 188 15.13 42.32 -6.72
N GLU B 189 16.20 42.78 -6.07
CA GLU B 189 17.26 41.88 -5.65
C GLU B 189 16.68 40.73 -4.85
N GLU B 190 17.26 39.55 -4.99
CA GLU B 190 16.77 38.44 -4.20
C GLU B 190 17.28 38.58 -2.77
N PRO B 191 16.67 37.87 -1.83
CA PRO B 191 17.12 37.94 -0.44
C PRO B 191 18.58 37.59 -0.32
N THR B 192 19.22 38.17 0.69
CA THR B 192 20.59 37.85 1.04
C THR B 192 20.69 37.19 2.41
N THR B 193 19.96 37.70 3.40
CA THR B 193 19.97 37.18 4.75
C THR B 193 18.85 36.18 4.99
N ARG B 194 19.04 35.35 6.03
CA ARG B 194 17.99 34.41 6.45
C ARG B 194 16.66 35.13 6.67
N GLU B 195 16.67 36.24 7.43
CA GLU B 195 15.41 36.91 7.73
C GLU B 195 14.74 37.37 6.44
N GLU B 196 15.52 37.78 5.44
CA GLU B 196 14.94 38.22 4.18
C GLU B 196 14.30 37.05 3.44
N TRP B 197 14.92 35.87 3.47
CA TRP B 197 14.29 34.70 2.85
C TRP B 197 12.99 34.36 3.56
N ALA B 198 13.02 34.37 4.90
CA ALA B 198 11.81 34.08 5.68
C ALA B 198 10.70 35.07 5.35
N ARG B 199 11.05 36.35 5.25
CA ARG B 199 10.04 37.35 4.93
C ARG B 199 9.52 37.20 3.50
N LEU B 200 10.35 36.73 2.57
CA LEU B 200 9.85 36.51 1.21
C LEU B 200 8.81 35.40 1.19
N ALA B 201 9.05 34.32 1.93
CA ALA B 201 8.04 33.28 2.05
C ALA B 201 6.78 33.83 2.69
N MET B 202 6.93 34.58 3.78
N MET B 202 6.93 34.61 3.77
N MET B 202 6.92 34.59 3.78
CA MET B 202 5.78 35.19 4.45
CA MET B 202 5.77 35.17 4.45
CA MET B 202 5.78 35.18 4.44
C MET B 202 5.02 36.10 3.50
C MET B 202 5.02 36.13 3.54
C MET B 202 5.02 36.10 3.50
N ASP B 203 5.74 37.00 2.82
CA ASP B 203 5.09 37.99 1.97
C ASP B 203 4.38 37.36 0.79
N LEU B 204 4.95 36.28 0.23
CA LEU B 204 4.29 35.55 -0.83
C LEU B 204 3.11 34.71 -0.34
N GLY B 205 2.95 34.57 0.98
CA GLY B 205 1.84 33.78 1.50
C GLY B 205 2.03 32.29 1.35
N VAL B 206 3.27 31.82 1.40
CA VAL B 206 3.53 30.38 1.44
C VAL B 206 3.09 29.82 2.79
N LYS B 207 2.09 28.94 2.78
CA LYS B 207 1.61 28.32 4.00
C LYS B 207 2.46 27.12 4.38
N GLY B 208 2.96 26.39 3.40
CA GLY B 208 3.72 25.18 3.69
C GLY B 208 4.43 24.67 2.46
N ILE B 209 5.24 23.64 2.70
CA ILE B 209 6.11 23.04 1.69
C ILE B 209 6.09 21.53 1.89
N HIS B 210 5.79 20.78 0.85
CA HIS B 210 6.08 19.35 0.85
C HIS B 210 7.40 19.10 0.12
N ILE B 211 8.22 18.24 0.69
CA ILE B 211 9.27 17.58 -0.09
C ILE B 211 8.54 16.47 -0.86
N ALA B 212 8.22 16.73 -2.12
CA ALA B 212 7.25 15.96 -2.88
C ALA B 212 8.03 15.11 -3.88
N GLU B 213 8.09 13.80 -3.60
CA GLU B 213 8.95 12.90 -4.35
C GLU B 213 8.15 11.69 -4.85
N ARG B 214 8.42 11.31 -6.10
CA ARG B 214 7.88 10.09 -6.69
C ARG B 214 8.99 9.38 -7.45
N ASP B 215 9.32 8.19 -6.99
CA ASP B 215 10.33 7.34 -7.62
C ASP B 215 9.60 6.31 -8.48
N THR B 216 9.80 6.38 -9.81
CA THR B 216 9.13 5.44 -10.71
C THR B 216 10.07 4.38 -11.26
N GLN B 217 11.26 4.23 -10.69
CA GLN B 217 12.20 3.23 -11.16
C GLN B 217 11.62 1.83 -10.94
N ARG B 218 11.66 1.00 -11.97
CA ARG B 218 11.06 -0.33 -11.95
C ARG B 218 12.15 -1.37 -12.22
N ALA B 219 12.05 -2.50 -11.53
CA ALA B 219 13.04 -3.56 -11.62
C ALA B 219 12.73 -4.53 -12.76
N SER B 220 13.78 -5.22 -13.22
CA SER B 220 13.68 -6.24 -14.26
C SER B 220 13.17 -7.58 -13.73
N PHE B 221 13.07 -7.73 -12.43
CA PHE B 221 12.49 -8.89 -11.79
C PHE B 221 11.35 -8.46 -10.87
N PRO B 222 10.32 -9.29 -10.71
CA PRO B 222 9.24 -8.94 -9.79
C PRO B 222 9.73 -8.97 -8.35
N LYS B 223 9.03 -8.26 -7.49
CA LYS B 223 9.44 -8.18 -6.10
C LYS B 223 9.41 -9.57 -5.48
N PRO B 224 10.51 -10.03 -4.88
CA PRO B 224 10.47 -11.34 -4.22
C PRO B 224 9.77 -11.27 -2.88
N PHE B 225 9.02 -12.33 -2.59
CA PHE B 225 8.44 -12.50 -1.27
C PHE B 225 9.53 -12.45 -0.20
N ASP B 226 9.23 -11.75 0.89
CA ASP B 226 10.09 -11.68 2.07
C ASP B 226 11.45 -11.08 1.74
N VAL B 227 11.49 -10.14 0.79
CA VAL B 227 12.68 -9.34 0.51
C VAL B 227 12.26 -7.87 0.43
N PHE B 228 12.90 -7.01 1.22
CA PHE B 228 12.69 -5.58 1.11
C PHE B 228 13.52 -5.03 -0.04
N VAL B 229 12.89 -4.32 -0.96
CA VAL B 229 13.55 -3.77 -2.14
C VAL B 229 13.44 -2.25 -2.12
N ASN B 230 14.56 -1.57 -2.40
CA ASN B 230 14.59 -0.10 -2.46
C ASN B 230 15.64 0.33 -3.48
N THR B 231 15.61 1.62 -3.83
CA THR B 231 16.60 2.20 -4.73
C THR B 231 17.77 2.85 -4.00
N TRP B 232 17.75 2.85 -2.68
CA TRP B 232 18.84 3.31 -1.83
C TRP B 232 18.74 2.49 -0.54
N SER B 233 19.58 2.83 0.44
CA SER B 233 19.69 2.09 1.69
C SER B 233 18.37 1.47 2.15
N VAL B 234 18.34 0.14 2.31
CA VAL B 234 17.19 -0.47 2.95
C VAL B 234 17.29 -0.31 4.46
N GLU B 235 18.47 -0.55 5.03
CA GLU B 235 18.66 -0.34 6.46
C GLU B 235 18.31 1.08 6.84
N GLY B 236 18.81 2.05 6.08
CA GLY B 236 18.54 3.45 6.42
C GLY B 236 17.09 3.84 6.22
N PHE B 237 16.47 3.38 5.14
CA PHE B 237 15.07 3.72 4.91
C PHE B 237 14.18 3.12 5.98
N VAL B 238 14.43 1.85 6.32
CA VAL B 238 13.61 1.20 7.35
C VAL B 238 13.79 1.90 8.68
N SER B 239 15.04 2.23 9.03
CA SER B 239 15.30 2.92 10.28
C SER B 239 14.51 4.23 10.37
N GLU B 240 14.61 5.08 9.33
CA GLU B 240 13.90 6.35 9.40
C GLU B 240 12.39 6.13 9.30
N GLY B 241 11.95 5.11 8.56
CA GLY B 241 10.54 4.84 8.42
C GLY B 241 9.87 4.38 9.71
N LEU B 242 10.65 3.77 10.61
CA LEU B 242 10.14 3.36 11.90
C LEU B 242 10.20 4.45 12.96
N GLN B 243 10.99 5.52 12.75
CA GLN B 243 10.97 6.66 13.63
C GLN B 243 9.61 7.35 13.58
N PRO B 244 9.28 8.14 14.60
CA PRO B 244 8.02 8.89 14.56
C PRO B 244 7.95 9.79 13.34
N ALA B 245 6.73 9.91 12.80
CA ALA B 245 6.46 10.91 11.77
C ALA B 245 6.79 12.28 12.33
N GLU B 246 7.32 13.15 11.49
CA GLU B 246 7.92 14.39 11.97
C GLU B 246 7.72 15.46 10.93
N LEU B 247 7.39 16.67 11.39
CA LEU B 247 7.18 17.77 10.46
C LEU B 247 7.53 19.10 11.10
N GLY B 248 8.03 20.00 10.25
CA GLY B 248 8.04 21.41 10.59
C GLY B 248 6.61 21.91 10.60
N TRP B 249 6.26 22.67 11.61
CA TRP B 249 4.87 22.99 11.90
C TRP B 249 4.59 24.47 11.67
N GLY B 250 3.71 24.75 10.71
CA GLY B 250 3.47 26.11 10.30
C GLY B 250 2.53 26.87 11.22
N THR B 251 2.71 28.18 11.25
CA THR B 251 1.83 29.05 12.01
C THR B 251 0.39 29.02 11.51
N PHE B 252 0.14 28.66 10.25
CA PHE B 252 -1.23 28.68 9.75
C PHE B 252 -2.05 27.49 10.22
N GLU B 253 -1.40 26.45 10.75
CA GLU B 253 -2.11 25.22 11.09
C GLU B 253 -3.04 25.45 12.28
N ARG B 254 -4.27 24.95 12.17
CA ARG B 254 -5.27 25.10 13.22
C ARG B 254 -5.67 23.77 13.85
N TRP B 255 -5.07 22.67 13.43
CA TRP B 255 -5.43 21.35 13.94
C TRP B 255 -4.18 20.47 13.97
N MET B 256 -4.07 19.67 15.01
CA MET B 256 -3.09 18.59 14.98
C MET B 256 -3.71 17.33 15.58
N PRO B 257 -3.22 16.16 15.16
CA PRO B 257 -3.76 14.90 15.70
C PRO B 257 -3.62 14.83 17.21
N ASP B 258 -4.47 13.99 17.81
CA ASP B 258 -4.38 13.78 19.25
C ASP B 258 -3.03 13.20 19.66
N ASN B 259 -2.36 12.47 18.77
CA ASN B 259 -1.09 11.84 19.11
C ASN B 259 0.11 12.64 18.62
N ALA B 260 -0.09 13.93 18.31
CA ALA B 260 1.00 14.84 18.02
C ALA B 260 1.59 15.40 19.30
N ARG B 261 2.90 15.61 19.27
CA ARG B 261 3.66 16.16 20.39
C ARG B 261 4.63 17.20 19.90
N GLY B 262 4.92 18.18 20.77
CA GLY B 262 5.92 19.18 20.52
C GLY B 262 7.20 18.95 21.30
N HIS B 263 8.01 20.00 21.37
CA HIS B 263 9.31 19.94 22.03
C HIS B 263 9.43 21.04 23.07
N ASP B 264 10.00 20.71 24.24
CA ASP B 264 10.22 21.69 25.30
C ASP B 264 11.30 22.70 24.93
N SER B 265 12.30 22.27 24.17
CA SER B 265 13.50 23.03 23.91
C SER B 265 13.72 23.13 22.42
N GLY B 266 14.75 23.87 22.03
CA GLY B 266 15.16 23.93 20.64
C GLY B 266 14.57 25.11 19.89
N CYS B 267 14.70 25.03 18.57
CA CYS B 267 14.31 26.12 17.70
C CYS B 267 12.81 26.35 17.63
N GLY B 268 12.00 25.38 18.07
CA GLY B 268 10.55 25.52 18.12
C GLY B 268 9.79 25.13 16.87
N ALA B 269 10.48 24.67 15.83
CA ALA B 269 9.85 24.55 14.53
C ALA B 269 9.13 23.23 14.28
N GLY B 270 9.22 22.26 15.18
CA GLY B 270 8.82 20.90 14.87
C GLY B 270 7.73 20.32 15.77
N ILE B 271 6.99 19.36 15.21
CA ILE B 271 6.17 18.42 15.98
C ILE B 271 6.47 17.02 15.47
N TYR B 272 6.02 16.02 16.22
CA TYR B 272 6.09 14.65 15.77
C TYR B 272 4.80 13.94 16.17
N LEU B 273 4.53 12.83 15.49
CA LEU B 273 3.36 11.99 15.75
C LEU B 273 3.84 10.66 16.32
N LEU B 274 3.08 10.13 17.28
CA LEU B 274 3.42 8.87 17.95
C LEU B 274 3.02 7.68 17.08
N GLN B 275 3.62 7.61 15.90
CA GLN B 275 3.37 6.54 14.95
C GLN B 275 4.47 6.55 13.91
N PRO B 276 4.77 5.41 13.29
CA PRO B 276 5.91 5.36 12.36
C PRO B 276 5.63 6.13 11.08
N GLY B 277 6.63 6.90 10.65
CA GLY B 277 6.46 7.75 9.48
C GLY B 277 6.15 6.97 8.22
N ALA B 278 6.78 5.80 8.04
CA ALA B 278 6.59 5.03 6.81
C ALA B 278 5.26 4.29 6.78
N ASN B 279 4.47 4.36 7.85
CA ASN B 279 3.10 3.89 7.83
C ASN B 279 2.10 5.03 8.02
N THR B 280 2.53 6.26 7.73
CA THR B 280 1.69 7.46 7.82
C THR B 280 1.58 8.05 6.42
N ARG B 281 0.35 8.19 5.92
CA ARG B 281 0.16 8.67 4.56
C ARG B 281 -0.33 10.12 4.58
N VAL B 282 0.13 10.88 3.58
CA VAL B 282 -0.32 12.25 3.37
C VAL B 282 -0.70 12.40 1.90
N ARG B 283 -1.65 13.30 1.65
CA ARG B 283 -2.06 13.62 0.29
C ARG B 283 -1.13 14.68 -0.29
N SER B 284 -0.58 14.39 -1.46
CA SER B 284 0.40 15.29 -2.06
C SER B 284 0.34 15.14 -3.59
N TRP B 285 1.32 15.71 -4.27
CA TRP B 285 1.25 15.91 -5.70
C TRP B 285 2.65 16.10 -6.26
N THR B 286 2.95 15.46 -7.38
CA THR B 286 4.11 15.79 -8.20
C THR B 286 3.69 15.84 -9.66
N PRO B 287 4.53 16.41 -10.52
CA PRO B 287 4.10 16.56 -11.93
C PRO B 287 3.83 15.25 -12.64
N THR B 288 4.63 14.20 -12.39
CA THR B 288 4.40 12.94 -13.09
C THR B 288 3.35 12.10 -12.39
N ALA B 289 3.33 12.14 -11.06
CA ALA B 289 2.35 11.36 -10.30
C ALA B 289 0.97 11.99 -10.30
N MET B 290 0.87 13.29 -10.50
CA MET B 290 -0.33 14.06 -10.17
CA MET B 290 -0.33 14.06 -10.18
C MET B 290 -0.64 13.78 -8.70
N ALA B 291 -1.92 13.74 -8.33
CA ALA B 291 -2.24 13.48 -6.93
C ALA B 291 -1.78 12.08 -6.54
N GLN B 292 -1.19 11.97 -5.36
CA GLN B 292 -0.67 10.69 -4.89
C GLN B 292 -0.61 10.70 -3.37
N TYR B 293 -0.50 9.50 -2.81
CA TYR B 293 -0.10 9.38 -1.43
C TYR B 293 1.42 9.46 -1.31
N GLY B 294 1.87 10.19 -0.30
CA GLY B 294 3.24 10.12 0.14
C GLY B 294 3.27 9.58 1.56
N PHE B 295 4.43 9.08 1.98
CA PHE B 295 4.67 8.71 3.38
C PHE B 295 5.37 9.84 4.11
N LEU B 296 4.94 10.07 5.35
CA LEU B 296 5.41 11.19 6.15
C LEU B 296 6.60 10.74 6.98
N VAL B 297 7.67 10.41 6.27
CA VAL B 297 8.89 9.93 6.90
C VAL B 297 9.70 11.11 7.43
N THR B 298 10.20 10.99 8.65
CA THR B 298 10.95 12.08 9.25
C THR B 298 12.22 12.36 8.46
N HIS B 299 12.53 13.64 8.32
CA HIS B 299 13.70 14.11 7.59
C HIS B 299 14.19 15.39 8.24
N ASN B 300 15.52 15.58 8.21
CA ASN B 300 16.14 16.77 8.79
C ASN B 300 15.58 18.05 8.20
N GLU B 301 15.36 18.06 6.88
CA GLU B 301 14.98 19.29 6.19
C GLU B 301 13.57 19.72 6.54
N SER B 302 12.72 18.80 6.98
CA SER B 302 11.41 19.20 7.47
C SER B 302 11.55 20.24 8.57
N ILE B 303 12.55 20.08 9.42
CA ILE B 303 12.79 21.02 10.50
C ILE B 303 13.62 22.19 10.01
N SER B 304 14.71 21.92 9.29
CA SER B 304 15.66 22.99 8.98
C SER B 304 15.05 24.03 8.06
N ILE B 305 14.20 23.61 7.11
CA ILE B 305 13.60 24.58 6.20
C ILE B 305 12.57 25.42 6.93
N ALA B 306 11.75 24.79 7.78
CA ALA B 306 10.77 25.56 8.54
C ALA B 306 11.47 26.54 9.48
N ASP B 307 12.54 26.11 10.14
CA ASP B 307 13.34 27.00 10.97
C ASP B 307 13.89 28.15 10.14
N PHE B 308 14.49 27.83 9.00
CA PHE B 308 15.14 28.84 8.17
C PHE B 308 14.15 29.92 7.75
N LEU B 309 12.89 29.55 7.48
CA LEU B 309 11.90 30.48 6.98
C LEU B 309 11.00 31.03 8.08
N THR B 310 11.47 31.07 9.32
CA THR B 310 10.67 31.60 10.43
C THR B 310 10.90 33.10 10.58
N VAL B 311 9.81 33.84 10.73
CA VAL B 311 9.85 35.26 11.10
C VAL B 311 9.39 35.38 12.54
N ARG B 312 10.16 36.08 13.37
CA ARG B 312 9.79 36.30 14.75
C ARG B 312 9.46 37.76 15.02
N ASP B 313 8.66 38.00 16.06
CA ASP B 313 8.40 39.36 16.50
C ASP B 313 9.51 39.80 17.46
N ALA B 314 9.45 41.07 17.89
CA ALA B 314 10.49 41.62 18.74
C ALA B 314 10.67 40.81 20.02
N ALA B 315 9.59 40.22 20.54
CA ALA B 315 9.70 39.39 21.73
C ALA B 315 10.31 38.02 21.46
N GLY B 316 10.52 37.64 20.21
CA GLY B 316 11.13 36.37 19.89
C GLY B 316 10.19 35.24 19.56
N GLN B 317 8.88 35.49 19.54
CA GLN B 317 7.91 34.46 19.20
C GLN B 317 7.76 34.37 17.69
N ALA B 318 7.65 33.15 17.18
CA ALA B 318 7.44 32.98 15.75
C ALA B 318 6.07 33.52 15.39
N VAL B 319 6.01 34.49 14.47
CA VAL B 319 4.74 34.95 13.93
C VAL B 319 4.48 34.44 12.52
N TYR B 320 5.50 33.93 11.83
CA TYR B 320 5.30 33.22 10.58
C TYR B 320 6.29 32.07 10.52
N ARG B 321 5.81 30.90 10.11
CA ARG B 321 6.66 29.76 9.83
C ARG B 321 5.88 28.86 8.90
N PRO B 322 6.49 28.31 7.85
CA PRO B 322 5.76 27.35 7.00
C PRO B 322 5.76 25.95 7.61
N THR B 323 4.68 25.22 7.33
CA THR B 323 4.71 23.77 7.50
C THR B 323 5.69 23.18 6.50
N CYS B 324 6.41 22.14 6.90
CA CYS B 324 7.31 21.48 5.97
C CYS B 324 7.47 20.02 6.33
N HIS B 325 7.22 19.13 5.38
CA HIS B 325 7.48 17.73 5.66
C HIS B 325 7.63 16.95 4.36
N TYR B 326 8.16 15.75 4.52
CA TYR B 326 8.31 14.81 3.42
C TYR B 326 6.96 14.23 3.03
N ALA B 327 6.77 14.04 1.73
CA ALA B 327 5.61 13.33 1.18
C ALA B 327 6.19 12.38 0.12
N TYR B 328 6.65 11.22 0.58
CA TYR B 328 7.52 10.35 -0.20
C TYR B 328 6.73 9.20 -0.82
N HIS B 329 6.72 9.12 -2.14
CA HIS B 329 6.21 7.92 -2.80
C HIS B 329 7.41 7.19 -3.37
N PRO B 330 7.92 6.17 -2.71
CA PRO B 330 9.11 5.46 -3.22
C PRO B 330 8.77 4.59 -4.41
N CYS B 331 9.73 3.82 -4.90
CA CYS B 331 9.46 2.95 -6.03
C CYS B 331 8.41 1.91 -5.65
N ASN B 332 7.75 1.38 -6.69
CA ASN B 332 6.67 0.43 -6.47
C ASN B 332 7.10 -0.74 -5.58
N ASP B 333 8.31 -1.26 -5.80
CA ASP B 333 8.73 -2.39 -4.98
C ASP B 333 8.94 -1.99 -3.53
N ALA B 334 9.34 -0.73 -3.28
CA ALA B 334 9.45 -0.25 -1.90
C ALA B 334 8.06 -0.08 -1.28
N VAL B 335 7.08 0.39 -2.06
CA VAL B 335 5.71 0.46 -1.55
C VAL B 335 5.26 -0.93 -1.09
N LEU B 336 5.49 -1.92 -1.94
CA LEU B 336 5.12 -3.30 -1.59
C LEU B 336 5.92 -3.77 -0.38
N SER B 337 7.19 -3.38 -0.29
CA SER B 337 8.02 -3.81 0.84
C SER B 337 7.50 -3.25 2.15
N LEU B 338 7.01 -2.01 2.13
CA LEU B 338 6.45 -1.42 3.34
C LEU B 338 5.16 -2.12 3.75
N HIS B 339 4.27 -2.36 2.79
CA HIS B 339 3.05 -3.11 3.06
C HIS B 339 3.37 -4.47 3.68
N GLU B 340 4.38 -5.13 3.14
CA GLU B 340 4.81 -6.44 3.66
C GLU B 340 5.37 -6.31 5.06
N MET B 341 6.25 -5.34 5.28
CA MET B 341 6.93 -5.19 6.56
C MET B 341 5.94 -4.84 7.67
N PHE B 342 5.13 -3.80 7.45
CA PHE B 342 4.19 -3.40 8.49
C PHE B 342 3.08 -4.43 8.67
N GLY B 343 2.69 -5.11 7.59
CA GLY B 343 1.68 -6.15 7.70
C GLY B 343 2.16 -7.37 8.45
N SER B 344 3.47 -7.67 8.37
N SER B 344 3.46 -7.66 8.37
CA SER B 344 4.07 -8.78 9.09
CA SER B 344 4.03 -8.79 9.10
C SER B 344 4.39 -8.39 10.53
C SER B 344 4.46 -8.40 10.51
N GLY B 345 4.63 -7.11 10.79
CA GLY B 345 5.09 -6.67 12.07
C GLY B 345 6.58 -6.84 12.29
N LYS B 346 7.34 -7.17 11.24
CA LYS B 346 8.77 -7.40 11.38
C LYS B 346 9.48 -7.19 10.04
N ARG B 347 10.77 -6.91 10.13
CA ARG B 347 11.60 -6.75 8.95
C ARG B 347 11.71 -8.06 8.17
N GLN B 348 11.71 -7.95 6.85
CA GLN B 348 11.94 -9.08 5.97
C GLN B 348 13.27 -9.76 6.30
N SER B 349 13.37 -11.04 5.90
CA SER B 349 14.57 -11.83 6.13
C SER B 349 15.76 -11.35 5.30
N ASP B 350 15.49 -10.70 4.18
CA ASP B 350 16.53 -10.29 3.25
C ASP B 350 16.16 -8.95 2.65
N TRP B 351 17.12 -8.31 1.99
CA TRP B 351 16.86 -7.05 1.32
C TRP B 351 17.82 -6.89 0.16
N ARG B 352 17.47 -5.97 -0.74
CA ARG B 352 18.35 -5.64 -1.84
C ARG B 352 18.07 -4.24 -2.33
N ILE B 353 19.13 -3.60 -2.82
CA ILE B 353 19.07 -2.26 -3.41
C ILE B 353 19.19 -2.44 -4.91
N LEU B 354 18.28 -1.82 -5.66
CA LEU B 354 18.28 -1.99 -7.10
C LEU B 354 19.50 -1.31 -7.73
N ASP B 355 20.27 -2.09 -8.48
CA ASP B 355 21.39 -1.61 -9.27
C ASP B 355 20.86 -1.03 -10.57
N GLU B 356 21.63 -0.12 -11.16
CA GLU B 356 21.20 0.45 -12.45
C GLU B 356 21.02 -0.63 -13.49
N THR B 357 21.81 -1.71 -13.43
CA THR B 357 21.67 -2.79 -14.39
C THR B 357 20.37 -3.56 -14.21
N GLU B 358 19.70 -3.42 -13.06
CA GLU B 358 18.46 -4.11 -12.78
C GLU B 358 17.23 -3.23 -12.95
N ILE B 359 17.38 -1.99 -13.38
CA ILE B 359 16.26 -1.07 -13.53
C ILE B 359 15.93 -0.96 -15.01
N VAL B 360 14.66 -1.20 -15.36
CA VAL B 360 14.29 -1.19 -16.77
C VAL B 360 13.92 0.20 -17.25
N ASP B 361 13.40 1.05 -16.38
CA ASP B 361 13.03 2.40 -16.77
C ASP B 361 12.66 3.15 -15.50
N GLY B 362 12.40 4.43 -15.64
CA GLY B 362 11.88 5.24 -14.56
C GLY B 362 12.76 6.43 -14.23
N ILE B 363 12.22 7.24 -13.31
CA ILE B 363 12.85 8.49 -12.88
C ILE B 363 12.78 8.56 -11.36
N ASP B 364 13.57 9.46 -10.79
CA ASP B 364 13.36 9.90 -9.41
C ASP B 364 12.95 11.36 -9.49
N GLU B 365 11.66 11.60 -9.34
CA GLU B 365 11.11 12.94 -9.45
C GLU B 365 11.08 13.53 -8.05
N LEU B 366 11.94 14.50 -7.81
CA LEU B 366 12.21 14.98 -6.46
C LEU B 366 12.21 16.50 -6.48
N GLY B 367 11.28 17.08 -5.75
CA GLY B 367 11.16 18.53 -5.77
C GLY B 367 10.48 19.03 -4.52
N VAL B 368 10.24 20.34 -4.51
CA VAL B 368 9.56 20.98 -3.40
C VAL B 368 8.25 21.55 -3.91
N LEU B 369 7.20 21.33 -3.13
CA LEU B 369 5.85 21.77 -3.46
C LEU B 369 5.47 22.88 -2.49
N LEU B 370 5.57 24.12 -2.94
CA LEU B 370 5.21 25.28 -2.13
C LEU B 370 3.74 25.59 -2.36
N TYR B 371 2.97 25.72 -1.28
CA TYR B 371 1.53 25.87 -1.41
C TYR B 371 0.99 26.97 -0.50
N GLY B 372 -0.22 27.43 -0.85
CA GLY B 372 -0.95 28.41 -0.07
C GLY B 372 -0.86 29.83 -0.59
N HIS B 373 0.04 30.07 -1.54
CA HIS B 373 0.22 31.36 -2.17
C HIS B 373 -0.87 31.58 -3.25
N GLY B 374 -0.77 32.72 -3.93
CA GLY B 374 -1.78 33.14 -4.88
C GLY B 374 -1.98 32.21 -6.06
N LYS B 375 -0.96 31.44 -6.42
CA LYS B 375 -1.08 30.48 -7.51
C LYS B 375 -1.27 29.05 -7.00
N ASN B 376 -1.69 28.94 -5.74
CA ASN B 376 -2.13 27.72 -5.07
C ASN B 376 -0.97 26.79 -4.74
N ALA B 377 -0.34 26.20 -5.75
CA ALA B 377 0.76 25.26 -5.52
C ALA B 377 1.74 25.29 -6.68
N TYR B 378 3.03 25.14 -6.34
CA TYR B 378 4.13 25.20 -7.31
C TYR B 378 5.15 24.15 -6.93
N TRP B 379 5.45 23.26 -7.87
CA TRP B 379 6.44 22.20 -7.68
C TRP B 379 7.69 22.57 -8.46
N TYR B 380 8.84 22.54 -7.78
CA TYR B 380 10.11 22.83 -8.42
C TYR B 380 11.10 21.71 -8.07
N GLY B 381 11.67 21.08 -9.09
CA GLY B 381 12.64 20.04 -8.82
C GLY B 381 13.11 19.28 -10.05
N SER B 382 13.78 18.18 -9.77
CA SER B 382 14.47 17.34 -10.75
C SER B 382 13.61 16.17 -11.20
N GLN B 383 13.70 15.84 -12.49
CA GLN B 383 13.01 14.70 -13.08
C GLN B 383 14.01 13.71 -13.67
N LEU B 384 15.14 13.54 -13.00
CA LEU B 384 16.22 12.70 -13.51
C LEU B 384 15.78 11.27 -13.81
N SER B 385 16.07 10.82 -15.03
CA SER B 385 15.74 9.48 -15.47
C SER B 385 16.93 8.53 -15.32
N ILE B 386 16.63 7.23 -15.29
CA ILE B 386 17.70 6.25 -15.21
C ILE B 386 18.51 6.24 -16.50
N GLU B 387 17.86 6.47 -17.65
CA GLU B 387 18.59 6.49 -18.92
C GLU B 387 19.60 7.62 -18.95
N GLU B 388 19.19 8.82 -18.53
CA GLU B 388 20.14 9.93 -18.47
C GLU B 388 21.25 9.66 -17.45
N THR B 389 20.89 9.12 -16.28
CA THR B 389 21.89 8.77 -15.28
C THR B 389 23.00 7.93 -15.89
N ARG B 390 22.64 6.86 -16.61
CA ARG B 390 23.65 5.97 -17.14
C ARG B 390 24.57 6.67 -18.13
N ARG B 391 24.05 7.67 -18.84
CA ARG B 391 24.89 8.37 -19.80
C ARG B 391 25.92 9.28 -19.13
N ILE B 392 25.66 9.75 -17.92
CA ILE B 392 26.47 10.83 -17.36
C ILE B 392 27.24 10.45 -16.09
N ALA B 393 26.91 9.35 -15.44
CA ALA B 393 27.62 8.99 -14.21
C ALA B 393 27.52 7.49 -13.97
N PRO B 394 28.62 6.83 -13.62
CA PRO B 394 28.58 5.38 -13.46
C PRO B 394 28.20 4.95 -12.04
N ASP B 395 27.89 3.66 -11.93
CA ASP B 395 27.82 2.95 -10.66
C ASP B 395 26.65 3.38 -9.78
N GLN B 396 25.57 3.91 -10.38
CA GLN B 396 24.45 4.37 -9.57
C GLN B 396 23.18 4.49 -10.40
N ASN B 397 22.05 4.52 -9.69
CA ASN B 397 20.76 4.77 -10.30
C ASN B 397 20.39 6.26 -10.11
N ALA B 398 19.17 6.63 -10.55
CA ALA B 398 18.80 8.03 -10.56
C ALA B 398 18.65 8.58 -9.14
N THR B 399 18.19 7.74 -8.20
CA THR B 399 18.14 8.14 -6.80
C THR B 399 19.54 8.48 -6.30
N GLY B 400 20.49 7.60 -6.58
CA GLY B 400 21.83 7.79 -6.09
C GLY B 400 22.48 9.03 -6.66
N LEU B 401 22.23 9.32 -7.94
CA LEU B 401 22.93 10.43 -8.58
C LEU B 401 22.47 11.78 -8.03
N GLN B 402 21.19 11.93 -7.71
CA GLN B 402 20.76 13.17 -7.08
C GLN B 402 21.48 13.38 -5.76
N VAL B 403 21.73 12.30 -5.01
CA VAL B 403 22.39 12.42 -3.72
C VAL B 403 23.87 12.68 -3.89
N SER B 404 24.54 11.87 -4.72
CA SER B 404 25.98 11.98 -4.88
C SER B 404 26.35 13.32 -5.50
N SER B 405 25.55 13.82 -6.45
CA SER B 405 25.87 15.13 -7.03
C SER B 405 25.66 16.26 -6.03
N ALA B 406 24.74 16.09 -5.07
CA ALA B 406 24.60 17.09 -4.00
C ALA B 406 25.80 17.05 -3.06
N VAL B 407 26.32 15.86 -2.76
CA VAL B 407 27.55 15.76 -1.98
C VAL B 407 28.68 16.45 -2.72
N LEU B 408 28.79 16.23 -4.04
CA LEU B 408 29.77 16.92 -4.85
C LEU B 408 29.65 18.43 -4.68
N ALA B 409 28.44 18.96 -4.81
CA ALA B 409 28.24 20.40 -4.70
C ALA B 409 28.63 20.91 -3.32
N GLY B 410 28.27 20.18 -2.25
CA GLY B 410 28.65 20.60 -0.92
C GLY B 410 30.15 20.57 -0.70
N MET B 411 30.83 19.58 -1.31
CA MET B 411 32.28 19.50 -1.21
C MET B 411 32.95 20.69 -1.90
N VAL B 412 32.48 21.04 -3.11
CA VAL B 412 32.97 22.24 -3.80
C VAL B 412 32.76 23.46 -2.91
N TRP B 413 31.56 23.61 -2.35
CA TRP B 413 31.30 24.79 -1.55
C TRP B 413 32.21 24.84 -0.33
N ALA B 414 32.41 23.70 0.33
CA ALA B 414 33.25 23.66 1.52
C ALA B 414 34.70 23.97 1.19
N LEU B 415 35.18 23.51 0.02
CA LEU B 415 36.54 23.82 -0.38
C LEU B 415 36.69 25.29 -0.75
N GLU B 416 35.64 25.88 -1.33
CA GLU B 416 35.63 27.30 -1.66
C GLU B 416 35.38 28.20 -0.45
N ASN B 417 34.80 27.64 0.62
CA ASN B 417 34.44 28.39 1.83
C ASN B 417 34.91 27.58 3.03
N PRO B 418 36.22 27.44 3.20
CA PRO B 418 36.74 26.43 4.14
C PRO B 418 36.77 26.85 5.61
N ASN B 419 36.39 28.10 5.92
CA ASN B 419 36.46 28.64 7.28
C ASN B 419 35.08 29.05 7.81
N ALA B 420 34.03 28.36 7.36
CA ALA B 420 32.65 28.75 7.63
C ALA B 420 32.03 28.07 8.84
N GLY B 421 32.76 27.16 9.50
CA GLY B 421 32.20 26.47 10.62
C GLY B 421 31.15 25.44 10.20
N ILE B 422 30.38 25.00 11.18
CA ILE B 422 29.29 24.05 10.96
C ILE B 422 28.16 24.75 10.22
N VAL B 423 27.76 24.18 9.09
CA VAL B 423 26.73 24.76 8.25
C VAL B 423 25.75 23.69 7.80
N GLU B 424 24.49 24.10 7.61
CA GLU B 424 23.45 23.31 7.00
C GLU B 424 23.34 23.65 5.52
N ALA B 425 22.56 22.85 4.79
CA ALA B 425 22.35 23.12 3.37
C ALA B 425 21.69 24.47 3.16
N ASP B 426 20.87 24.91 4.13
CA ASP B 426 20.22 26.20 4.06
C ASP B 426 21.20 27.36 4.20
N ASP B 427 22.42 27.09 4.68
CA ASP B 427 23.43 28.13 4.85
C ASP B 427 24.33 28.32 3.64
N LEU B 428 24.35 27.35 2.72
CA LEU B 428 25.26 27.41 1.59
C LEU B 428 24.73 28.37 0.53
N ASP B 429 25.63 28.83 -0.34
CA ASP B 429 25.26 29.60 -1.53
C ASP B 429 24.48 28.70 -2.47
N PHE B 430 23.14 28.86 -2.49
CA PHE B 430 22.32 27.94 -3.26
C PHE B 430 22.58 28.05 -4.76
N ARG B 431 22.91 29.24 -5.27
CA ARG B 431 23.14 29.36 -6.71
C ARG B 431 24.42 28.62 -7.11
N ARG B 432 25.47 28.75 -6.30
CA ARG B 432 26.73 28.07 -6.59
C ARG B 432 26.56 26.56 -6.51
N CYS B 433 25.86 26.08 -5.48
CA CYS B 433 25.65 24.65 -5.33
C CYS B 433 24.85 24.09 -6.50
N LEU B 434 23.76 24.77 -6.88
CA LEU B 434 22.99 24.27 -8.01
C LEU B 434 23.77 24.35 -9.32
N GLU B 435 24.68 25.32 -9.47
CA GLU B 435 25.50 25.37 -10.68
C GLU B 435 26.38 24.12 -10.81
N VAL B 436 26.95 23.66 -9.68
CA VAL B 436 27.74 22.44 -9.68
C VAL B 436 26.84 21.23 -9.90
N GLN B 437 25.65 21.22 -9.29
CA GLN B 437 24.86 20.01 -9.27
C GLN B 437 24.06 19.80 -10.55
N THR B 438 23.63 20.87 -11.19
CA THR B 438 22.62 20.76 -12.23
C THR B 438 23.01 19.90 -13.44
N PRO B 439 24.28 19.75 -13.83
CA PRO B 439 24.60 18.79 -14.90
C PRO B 439 24.15 17.37 -14.61
N TYR B 440 23.80 17.06 -13.36
CA TYR B 440 23.47 15.71 -12.94
C TYR B 440 22.01 15.55 -12.56
N LEU B 441 21.17 16.54 -12.83
CA LEU B 441 19.80 16.54 -12.34
C LEU B 441 18.76 16.32 -13.43
N GLY B 442 19.17 16.17 -14.68
CA GLY B 442 18.23 16.04 -15.77
C GLY B 442 17.31 17.25 -15.85
N PRO B 443 16.07 17.06 -16.29
CA PRO B 443 15.15 18.21 -16.35
C PRO B 443 14.90 18.76 -14.95
N VAL B 444 15.10 20.07 -14.80
CA VAL B 444 14.77 20.79 -13.58
C VAL B 444 13.70 21.81 -13.93
N VAL B 445 12.50 21.63 -13.40
CA VAL B 445 11.34 22.35 -13.89
C VAL B 445 10.49 22.84 -12.73
N GLY B 446 9.75 23.92 -12.99
CA GLY B 446 8.75 24.43 -12.10
C GLY B 446 7.38 24.32 -12.73
N VAL B 447 6.44 23.74 -12.00
CA VAL B 447 5.10 23.43 -12.50
C VAL B 447 4.08 23.92 -11.48
N TYR B 448 3.10 24.69 -11.94
CA TYR B 448 1.99 25.09 -11.09
C TYR B 448 0.86 24.08 -11.22
N THR B 449 0.06 23.97 -10.17
CA THR B 449 -1.12 23.12 -10.23
C THR B 449 -2.24 23.74 -9.42
N ASP B 450 -3.48 23.47 -9.83
CA ASP B 450 -4.66 23.85 -9.06
C ASP B 450 -5.14 22.74 -8.13
N TRP B 451 -4.48 21.58 -8.12
CA TRP B 451 -4.83 20.53 -7.17
C TRP B 451 -4.70 21.03 -5.74
N THR B 452 -5.63 20.63 -4.88
CA THR B 452 -5.49 20.78 -3.45
C THR B 452 -5.87 19.47 -2.78
N PRO B 453 -5.52 19.30 -1.51
CA PRO B 453 -5.94 18.10 -0.78
C PRO B 453 -7.45 17.91 -0.68
N LEU B 454 -8.25 18.92 -0.99
CA LEU B 454 -9.70 18.75 -0.93
C LEU B 454 -10.31 18.38 -2.26
N ALA B 455 -9.50 18.14 -3.30
CA ALA B 455 -10.04 17.73 -4.58
C ALA B 455 -10.92 16.49 -4.41
N GLY B 456 -12.14 16.57 -4.94
CA GLY B 456 -13.05 15.44 -4.88
C GLY B 456 -13.61 15.12 -3.51
N ARG B 457 -13.46 16.03 -2.55
CA ARG B 457 -13.90 15.82 -1.18
C ARG B 457 -14.85 16.93 -0.75
N PRO B 458 -15.85 16.61 0.10
CA PRO B 458 -16.12 15.29 0.68
C PRO B 458 -16.70 14.34 -0.35
N GLY B 459 -16.53 13.04 -0.13
CA GLY B 459 -17.00 12.06 -1.07
C GLY B 459 -18.09 11.21 -0.47
N LEU B 460 -17.97 9.89 -0.63
CA LEU B 460 -19.05 8.99 -0.23
C LEU B 460 -19.27 8.99 1.28
N PHE B 461 -18.24 9.29 2.07
CA PHE B 461 -18.33 9.16 3.51
C PHE B 461 -18.03 10.49 4.20
N PRO B 462 -18.61 10.73 5.37
CA PRO B 462 -18.27 11.96 6.11
C PRO B 462 -16.79 12.00 6.48
N GLU B 463 -16.23 13.19 6.41
CA GLU B 463 -14.82 13.41 6.73
C GLU B 463 -14.71 14.72 7.51
N ASP B 464 -13.73 14.77 8.41
CA ASP B 464 -13.43 15.98 9.16
C ASP B 464 -12.42 16.77 8.35
N ILE B 465 -12.93 17.67 7.50
CA ILE B 465 -12.07 18.51 6.68
C ILE B 465 -12.35 19.97 7.02
N ASP B 466 -11.38 20.82 6.66
CA ASP B 466 -11.48 22.27 6.79
C ASP B 466 -11.60 22.86 5.39
N THR B 467 -12.83 23.15 4.96
CA THR B 467 -13.04 23.65 3.61
C THR B 467 -12.61 25.10 3.42
N SER B 468 -12.39 25.86 4.50
CA SER B 468 -11.95 27.23 4.37
C SER B 468 -10.46 27.35 4.05
N ASP B 469 -9.72 26.25 4.10
CA ASP B 469 -8.27 26.31 4.01
C ASP B 469 -7.79 24.93 3.56
N PRO B 470 -7.79 24.69 2.24
CA PRO B 470 -7.58 23.33 1.73
C PRO B 470 -6.27 22.70 2.13
N TRP B 471 -5.23 23.49 2.36
CA TRP B 471 -3.90 22.95 2.63
C TRP B 471 -3.62 22.71 4.11
N GLN B 472 -4.62 22.87 4.99
CA GLN B 472 -4.44 22.48 6.37
C GLN B 472 -3.97 21.03 6.48
N PHE B 473 -3.06 20.78 7.43
CA PHE B 473 -2.63 19.41 7.70
C PHE B 473 -3.81 18.51 8.03
N ARG B 474 -4.87 19.07 8.63
CA ARG B 474 -6.11 18.31 8.84
C ARG B 474 -6.60 17.66 7.56
N ASN B 475 -6.47 18.35 6.42
CA ASN B 475 -6.94 17.81 5.14
C ASN B 475 -5.90 16.95 4.44
N VAL B 476 -4.61 17.18 4.73
CA VAL B 476 -3.51 16.47 4.08
C VAL B 476 -3.35 15.07 4.66
N LEU B 477 -3.37 14.96 5.98
CA LEU B 477 -3.13 13.69 6.64
C LEU B 477 -4.23 12.69 6.34
N VAL B 478 -3.85 11.46 6.03
CA VAL B 478 -4.80 10.38 5.74
C VAL B 478 -5.24 9.79 7.07
N ARG B 479 -6.53 9.90 7.36
CA ARG B 479 -7.11 9.54 8.65
C ARG B 479 -8.26 8.56 8.41
PA NAD C . -15.63 -8.92 -15.47
PA NAD C . -15.64 -8.95 -15.45
O1A NAD C . -14.45 -9.68 -16.03
O1A NAD C . -14.46 -9.74 -15.98
O2A NAD C . -15.55 -7.44 -15.24
O2A NAD C . -15.53 -7.46 -15.25
O5B NAD C . -16.85 -9.17 -16.48
O5B NAD C . -16.85 -9.20 -16.47
C5B NAD C . -18.14 -8.64 -16.25
C5B NAD C . -18.14 -8.64 -16.25
C4B NAD C . -18.91 -8.82 -17.54
C4B NAD C . -18.91 -8.82 -17.54
O4B NAD C . -20.24 -8.31 -17.37
O4B NAD C . -20.23 -8.31 -17.36
C3B NAD C . -18.28 -8.05 -18.72
C3B NAD C . -18.28 -8.05 -18.72
O3B NAD C . -18.03 -8.93 -19.80
O3B NAD C . -18.02 -8.94 -19.80
C2B NAD C . -19.32 -6.98 -19.11
C2B NAD C . -19.32 -6.98 -19.11
O2B NAD C . -19.40 -6.69 -20.49
O2B NAD C . -19.40 -6.70 -20.48
C1B NAD C . -20.60 -7.63 -18.58
C1B NAD C . -20.60 -7.63 -18.58
N9A NAD C . -21.69 -6.69 -18.34
N9A NAD C . -21.69 -6.69 -18.34
C8A NAD C . -21.62 -5.40 -17.98
C8A NAD C . -21.61 -5.40 -17.98
N7A NAD C . -22.86 -4.87 -17.86
N7A NAD C . -22.86 -4.87 -17.86
C5A NAD C . -23.73 -5.84 -18.17
C5A NAD C . -23.73 -5.84 -18.17
C6A NAD C . -25.18 -5.97 -18.24
C6A NAD C . -25.19 -5.96 -18.25
N6A NAD C . -25.93 -4.89 -17.96
N6A NAD C . -25.94 -4.88 -17.97
N1A NAD C . -25.72 -7.16 -18.61
N1A NAD C . -25.72 -7.15 -18.61
C2A NAD C . -24.95 -8.22 -18.89
C2A NAD C . -24.95 -8.22 -18.89
N3A NAD C . -23.61 -8.17 -18.83
N3A NAD C . -23.61 -8.17 -18.83
C4A NAD C . -22.96 -7.04 -18.49
C4A NAD C . -22.96 -7.04 -18.49
O3 NAD C . -16.12 -9.58 -14.08
O3 NAD C . -16.16 -9.56 -14.05
PN NAD C . -15.84 -11.08 -13.55
PN NAD C . -15.92 -11.04 -13.48
O1N NAD C . -16.39 -12.05 -14.57
O1N NAD C . -16.37 -12.04 -14.51
O2N NAD C . -14.41 -11.23 -13.07
O2N NAD C . -14.55 -11.17 -12.84
O5D NAD C . -16.82 -11.08 -12.29
O5D NAD C . -17.01 -11.01 -12.30
C5D NAD C . -18.17 -10.68 -12.43
C5D NAD C . -18.39 -11.04 -12.64
C4D NAD C . -18.73 -10.36 -11.06
C4D NAD C . -19.19 -10.98 -11.37
O4D NAD C . -18.87 -11.60 -10.35
O4D NAD C . -18.79 -12.06 -10.52
C3D NAD C . -17.87 -9.45 -10.18
C3D NAD C . -18.98 -9.69 -10.57
O3D NAD C . -18.18 -8.08 -10.29
O3D NAD C . -20.24 -9.11 -10.26
C2D NAD C . -18.17 -9.96 -8.77
C2D NAD C . -18.29 -10.10 -9.27
O2D NAD C . -19.24 -9.23 -8.16
O2D NAD C . -18.81 -9.39 -8.16
C1D NAD C . -18.63 -11.41 -8.96
C1D NAD C . -18.58 -11.60 -9.19
N1N NAD C . -17.58 -12.28 -8.46
N1N NAD C . -17.53 -12.37 -8.57
C2N NAD C . -17.84 -13.07 -7.40
C2N NAD C . -17.81 -13.14 -7.50
C3N NAD C . -16.85 -13.90 -6.89
C3N NAD C . -16.81 -13.88 -6.90
C7N NAD C . -17.08 -14.83 -5.71
C7N NAD C . -17.06 -14.77 -5.70
O7N NAD C . -16.15 -15.51 -5.33
O7N NAD C . -16.14 -15.43 -5.27
N7N NAD C . -18.28 -14.91 -5.14
N7N NAD C . -18.27 -14.84 -5.14
C4N NAD C . -15.60 -13.90 -7.49
C4N NAD C . -15.53 -13.82 -7.41
C5N NAD C . -15.36 -13.08 -8.58
C5N NAD C . -15.25 -13.03 -8.51
C6N NAD C . -16.38 -12.27 -9.05
C6N NAD C . -16.29 -12.32 -9.09
H51A NAD C . -18.65 -9.17 -15.44
H51A NAD C . -18.65 -9.16 -15.43
H52A NAD C . -18.08 -7.59 -15.98
H52A NAD C . -18.07 -7.58 -15.98
H4B NAD C . -18.89 -9.89 -17.78
H4B NAD C . -18.89 -9.89 -17.78
H3B NAD C . -17.32 -7.60 -18.46
H3B NAD C . -17.32 -7.60 -18.46
HO3A NAD C . -17.85 -8.42 -20.61
HO3A NAD C . -17.85 -8.42 -20.61
H2B NAD C . -19.07 -5.99 -18.70
H2B NAD C . -19.07 -5.99 -18.70
HO2A NAD C . -18.54 -6.39 -20.80
HO2A NAD C . -18.54 -6.39 -20.80
H1B NAD C . -20.99 -8.30 -19.36
H1B NAD C . -20.99 -8.30 -19.36
H8A NAD C . -20.69 -4.86 -17.81
H8A NAD C . -20.69 -4.86 -17.81
H61A NAD C . -26.94 -4.93 -18.01
H61A NAD C . -26.94 -4.93 -18.01
H62A NAD C . -25.48 -4.02 -17.70
H62A NAD C . -25.49 -4.01 -17.70
H2A NAD C . -25.42 -9.15 -19.17
H2A NAD C . -25.43 -9.14 -19.17
H51N NAD C . -18.76 -11.48 -12.90
H51N NAD C . -18.63 -11.95 -13.20
H52N NAD C . -18.23 -9.80 -13.07
H52N NAD C . -18.64 -10.18 -13.29
H4D NAD C . -19.67 -9.83 -11.23
H4D NAD C . -20.26 -11.03 -11.65
H3D NAD C . -16.81 -9.51 -10.48
H3D NAD C . -18.39 -8.97 -11.15
HO3N NAD C . -18.01 -7.64 -9.45
HO3N NAD C . -20.10 -8.22 -9.90
H2D NAD C . -17.29 -9.84 -8.12
H2D NAD C . -17.21 -9.86 -9.26
HO2N NAD C . -18.89 -8.46 -7.71
HO2N NAD C . -18.56 -8.47 -8.22
H1D NAD C . -19.55 -11.63 -8.40
H1D NAD C . -19.48 -11.72 -8.55
H2N NAD C . -18.83 -13.07 -6.94
H2N NAD C . -18.83 -13.18 -7.13
H71N NAD C . -18.42 -15.52 -4.35
H71N NAD C . -18.43 -15.45 -4.34
H72N NAD C . -19.04 -14.34 -5.48
H72N NAD C . -19.04 -14.30 -5.52
H4N NAD C . -14.80 -14.54 -7.11
H4N NAD C . -14.73 -14.39 -6.95
H5N NAD C . -14.38 -13.06 -9.05
H5N NAD C . -14.25 -12.97 -8.93
H6N NAD C . -16.22 -11.62 -9.90
H6N NAD C . -16.11 -11.71 -9.97
S SO4 D . -29.53 -9.65 17.78
O1 SO4 D . -29.81 -10.50 16.60
O2 SO4 D . -30.20 -10.21 18.97
O3 SO4 D . -28.06 -9.61 18.03
O4 SO4 D . -30.02 -8.27 17.54
PA NAD E . 23.71 1.55 2.08
PA NAD E . 23.69 1.56 2.06
O1A NAD E . 22.92 0.78 3.12
O1A NAD E . 22.90 0.73 3.05
O2A NAD E . 23.68 1.16 0.63
O2A NAD E . 23.67 1.23 0.59
O5B NAD E . 25.24 1.64 2.54
O5B NAD E . 25.22 1.62 2.53
C5B NAD E . 25.57 1.87 3.90
C5B NAD E . 25.56 1.86 3.89
C4B NAD E . 27.01 1.41 4.04
C4B NAD E . 27.00 1.41 4.02
O4B NAD E . 27.45 1.74 5.36
O4B NAD E . 27.46 1.75 5.34
C3B NAD E . 27.18 -0.10 3.83
C3B NAD E . 27.17 -0.10 3.82
O3B NAD E . 28.10 -0.38 2.79
O3B NAD E . 28.08 -0.39 2.77
C2B NAD E . 27.69 -0.61 5.18
C2B NAD E . 27.70 -0.60 5.16
O2B NAD E . 28.64 -1.65 5.08
O2B NAD E . 28.65 -1.64 5.05
C1B NAD E . 28.32 0.66 5.76
C1B NAD E . 28.32 0.67 5.75
N9A NAD E . 28.46 0.65 7.22
N9A NAD E . 28.46 0.65 7.20
C8A NAD E . 27.68 0.05 8.11
C8A NAD E . 27.67 0.05 8.11
N7A NAD E . 28.17 0.25 9.36
N7A NAD E . 28.16 0.25 9.36
C5A NAD E . 29.29 0.99 9.23
C5A NAD E . 29.28 0.98 9.23
C6A NAD E . 30.29 1.57 10.13
C6A NAD E . 30.28 1.55 10.14
N6A NAD E . 30.15 1.35 11.46
N6A NAD E . 30.13 1.34 11.47
N1A NAD E . 31.31 2.28 9.60
N1A NAD E . 31.31 2.25 9.62
C2A NAD E . 31.42 2.46 8.28
C2A NAD E . 31.43 2.45 8.29
N3A NAD E . 30.53 1.97 7.39
N3A NAD E . 30.55 1.96 7.41
C4A NAD E . 29.48 1.25 7.81
C4A NAD E . 29.48 1.24 7.80
O3 NAD E . 23.25 3.08 2.31
O3 NAD E . 23.24 3.07 2.34
PN NAD E . 23.26 4.28 1.23
PN NAD E . 23.26 4.30 1.30
O1N NAD E . 22.14 4.11 0.26
O1N NAD E . 22.08 4.22 0.38
O2N NAD E . 24.66 4.44 0.70
O2N NAD E . 24.64 4.41 0.68
O5D NAD E . 22.88 5.45 2.26
O5D NAD E . 23.02 5.48 2.35
C5D NAD E . 23.67 5.69 3.43
C5D NAD E . 24.05 5.81 3.28
C4D NAD E . 22.91 6.62 4.34
C4D NAD E . 23.61 6.97 4.15
O4D NAD E . 23.02 7.95 3.77
O4D NAD E . 23.19 8.06 3.34
C3D NAD E . 21.42 6.34 4.47
C3D NAD E . 22.42 6.61 5.04
O3D NAD E . 21.08 5.46 5.52
O3D NAD E . 22.78 6.90 6.38
C2D NAD E . 20.84 7.73 4.74
C2D NAD E . 21.25 7.50 4.63
O2D NAD E . 20.89 8.08 6.12
O2D NAD E . 20.60 8.01 5.78
C1D NAD E . 21.81 8.68 3.99
C1D NAD E . 21.95 8.60 3.82
N1N NAD E . 21.17 9.13 2.78
N1N NAD E . 21.21 9.07 2.68
C2N NAD E . 20.89 10.45 2.67
C2N NAD E . 20.93 10.38 2.58
C3N NAD E . 20.26 10.93 1.53
C3N NAD E . 20.21 10.88 1.50
C7N NAD E . 19.95 12.40 1.36
C7N NAD E . 19.89 12.34 1.35
O7N NAD E . 19.43 12.74 0.31
O7N NAD E . 19.38 12.69 0.31
N7N NAD E . 20.23 13.27 2.33
N7N NAD E . 20.17 13.21 2.32
C4N NAD E . 19.91 10.06 0.51
C4N NAD E . 19.78 10.00 0.51
C5N NAD E . 20.21 8.71 0.65
C5N NAD E . 20.08 8.65 0.63
C6N NAD E . 20.85 8.27 1.81
C6N NAD E . 20.81 8.21 1.73
H51A NAD E . 25.47 2.93 4.15
H51A NAD E . 25.46 2.91 4.14
H52A NAD E . 24.92 1.29 4.57
H52A NAD E . 24.92 1.29 4.56
H4B NAD E . 27.61 1.93 3.28
H4B NAD E . 27.59 1.94 3.25
H3B NAD E . 26.24 -0.58 3.52
H3B NAD E . 26.22 -0.58 3.52
HO3A NAD E . 28.25 -1.34 2.75
HO3A NAD E . 28.24 -1.34 2.74
H2B NAD E . 26.91 -1.08 5.78
H2B NAD E . 26.93 -1.08 5.78
HO2A NAD E . 28.25 -2.41 4.64
HO2A NAD E . 28.24 -2.42 4.63
H1B NAD E . 29.33 0.76 5.37
H1B NAD E . 29.34 0.77 5.37
H8A NAD E . 26.78 -0.52 7.88
H8A NAD E . 26.77 -0.52 7.87
H61A NAD E . 30.83 1.73 12.10
H61A NAD E . 30.81 1.71 12.11
H62A NAD E . 29.36 0.82 11.80
H62A NAD E . 29.35 0.81 11.80
H2A NAD E . 32.27 3.04 7.90
H2A NAD E . 32.28 3.02 7.92
H51N NAD E . 23.87 4.74 3.94
H51N NAD E . 24.29 4.95 3.91
H52N NAD E . 24.63 6.13 3.14
H52N NAD E . 24.96 6.10 2.74
H4D NAD E . 23.37 6.52 5.33
H4D NAD E . 24.47 7.23 4.79
H3D NAD E . 21.02 5.82 3.58
H3D NAD E . 22.14 5.55 4.95
HO3N NAD E . 20.16 5.61 5.79
HO3N NAD E . 22.63 6.11 6.93
H2D NAD E . 19.80 7.78 4.41
H2D NAD E . 20.46 6.99 4.05
HO2N NAD E . 20.26 7.52 6.61
HO2N NAD E . 20.27 7.27 6.31
H1D NAD E . 22.05 9.57 4.58
H1D NAD E . 22.07 9.45 4.51
H2N NAD E . 21.16 11.12 3.47
H2N NAD E . 21.28 11.06 3.36
H71N NAD E . 20.01 14.26 2.19
H71N NAD E . 19.96 14.19 2.20
H72N NAD E . 20.65 12.96 3.19
H72N NAD E . 20.61 12.90 3.18
H4N NAD E . 19.41 10.42 -0.38
H4N NAD E . 19.22 10.37 -0.33
H5N NAD E . 19.95 8.01 -0.14
H5N NAD E . 19.76 7.95 -0.13
H6N NAD E . 21.07 7.22 1.92
H6N NAD E . 21.06 7.16 1.82
S SO4 F . 8.15 29.38 18.63
O1 SO4 F . 7.13 28.81 17.73
O2 SO4 F . 9.49 29.23 18.03
O3 SO4 F . 8.11 28.67 19.93
O4 SO4 F . 7.86 30.82 18.85
N1 1PS G . 23.72 -7.12 3.05
C1 1PS G . 23.14 -7.16 1.86
C2 1PS G . 21.90 -7.77 1.69
C3 1PS G . 23.15 -7.64 4.13
C4 1PS G . 21.92 -8.26 4.03
C5 1PS G . 21.28 -8.34 2.79
C6 1PS G . 25.01 -6.46 3.20
C7 1PS G . 26.17 -7.40 2.88
C8 1PS G . 27.34 -7.21 3.85
S1 1PS G . 28.63 -8.44 3.47
O1 1PS G . 29.14 -8.18 1.93
O2 1PS G . 27.99 -9.96 3.57
O3 1PS G . 29.88 -8.28 4.54
H1 1PS G . 23.57 -6.78 1.13
H2 1PS G . 21.51 -7.81 0.85
H3 1PS G . 23.58 -7.58 4.95
H4 1PS G . 21.53 -8.63 4.78
H5 1PS G . 20.45 -8.76 2.71
H61 1PS G . 25.10 -6.14 4.11
H62 1PS G . 25.04 -5.69 2.59
H71 1PS G . 26.47 -7.23 1.97
H72 1PS G . 25.85 -8.31 2.94
H81 1PS G . 27.70 -6.31 3.74
H82 1PS G . 27.03 -7.33 4.75
#